data_6C14
#
_entry.id   6C14
#
_cell.length_a   1
_cell.length_b   1
_cell.length_c   1
_cell.angle_alpha   90.00
_cell.angle_beta   90.00
_cell.angle_gamma   90.00
#
_symmetry.space_group_name_H-M   'P 1'
#
loop_
_entity.id
_entity.type
_entity.pdbx_description
1 polymer Protocadherin-15
2 polymer 'LHFPL tetraspan subfamily member 5 protein'
#
loop_
_entity_poly.entity_id
_entity_poly.type
_entity_poly.pdbx_seq_one_letter_code
_entity_poly.pdbx_strand_id
1 'polypeptide(L)'
;GQYDDHPPVFQKKFYIGGVSEDARMFASVLRVKATDRDTGNYSAMAYRLIIPPIKEGKEGFVVETYTGLIKTAMLFHNMR
RSYFKFQVIATDDYGKGLSGKADVLVSVVNQLDMQVIVSNVPPTLVEKKIEDLTEILDRYVQEQIPGAKVVVESIGARRH
GDAYSLEDYSKCDLTVYAIDPQTNRAIDRNELFKFLDGKLLDINKDFQPYYGEGGRILEIRTPEAVTSIKKRGESLGYTE
GALLALAFIIILCCIPAILVVLVSYRQFKVRQAECTKTARIQSAMPAAKPAAPVPAAPAPPPPPPPPPPGAHLYEELGES
AMHKYETALFESRLVPR
;
A,C
2 'polypeptide(L)'
;GSGGRATMVKLLPAQEAAKIYHTNYVRNSRAVGVMWGTLTICFSVLVMALFIQPYWIGDSVSTPQAGYFGLFSYCVGNVL
SSELICKGGPLDFSSIPSRAFKTAMFFVALAMFLIIGSIICFSLFFVCNTATVYKICAWMQLAAATGLMIGCLVYPDGWD
SSEVRRMCGEQTGKYTLGHCTIRWAFMLAILSIGDALILSFLAFVLGYRQDKLLPDDYKADGNEEVFE
;
B,D
#
# COMPACT_ATOMS: atom_id res chain seq x y z
N HIS A 6 15.68 38.57 38.08
CA HIS A 6 16.23 37.37 38.67
C HIS A 6 15.92 36.14 37.82
N PRO A 7 16.84 35.18 37.77
CA PRO A 7 16.63 34.00 36.95
C PRO A 7 15.59 33.08 37.57
N PRO A 8 14.96 32.22 36.78
CA PRO A 8 14.03 31.23 37.35
C PRO A 8 14.74 30.06 37.99
N VAL A 9 13.99 29.07 38.44
CA VAL A 9 14.53 27.83 39.00
C VAL A 9 13.89 26.68 38.24
N PHE A 10 14.70 25.86 37.58
CA PHE A 10 14.18 24.69 36.90
C PHE A 10 13.80 23.61 37.91
N GLN A 11 12.94 22.70 37.45
CA GLN A 11 12.67 21.50 38.23
C GLN A 11 13.77 20.47 38.01
N LYS A 12 13.99 20.09 36.75
CA LYS A 12 15.15 19.30 36.35
C LYS A 12 16.05 20.17 35.51
N LYS A 13 17.36 20.12 35.80
CA LYS A 13 18.31 20.92 35.05
C LYS A 13 18.50 20.42 33.62
N PHE A 14 18.07 19.19 33.33
CA PHE A 14 18.02 18.68 31.97
C PHE A 14 16.65 18.05 31.76
N TYR A 15 15.75 18.80 31.11
CA TYR A 15 14.47 18.23 30.70
C TYR A 15 14.69 17.25 29.55
N ILE A 16 13.79 16.29 29.44
CA ILE A 16 14.00 15.11 28.60
C ILE A 16 12.76 14.86 27.75
N GLY A 17 12.94 14.86 26.42
CA GLY A 17 11.81 14.69 25.51
C GLY A 17 12.02 13.51 24.58
N GLY A 18 11.08 13.40 23.63
CA GLY A 18 11.11 12.35 22.62
C GLY A 18 9.83 12.34 21.79
N VAL A 19 9.94 12.16 20.48
CA VAL A 19 8.80 12.18 19.57
C VAL A 19 8.83 10.93 18.70
N SER A 20 7.91 10.87 17.74
CA SER A 20 7.83 9.76 16.81
C SER A 20 8.00 10.22 15.38
N GLU A 21 8.07 9.25 14.46
CA GLU A 21 8.29 9.55 13.05
C GLU A 21 7.06 10.15 12.39
N ASP A 22 5.95 9.41 12.36
CA ASP A 22 4.79 9.97 11.68
C ASP A 22 3.97 10.92 12.54
N ALA A 23 4.55 11.46 13.61
CA ALA A 23 3.92 12.52 14.37
C ALA A 23 3.71 13.74 13.49
N ARG A 24 2.67 14.49 13.79
CA ARG A 24 2.28 15.60 12.93
C ARG A 24 3.00 16.88 13.37
N MET A 25 2.78 17.94 12.61
CA MET A 25 3.39 19.23 12.90
C MET A 25 2.82 19.79 14.19
N PHE A 26 3.72 20.33 15.03
CA PHE A 26 3.38 21.05 16.26
C PHE A 26 2.65 20.16 17.26
N ALA A 27 3.10 18.91 17.36
CA ALA A 27 2.54 17.98 18.31
C ALA A 27 3.07 18.27 19.71
N SER A 28 2.32 17.79 20.70
CA SER A 28 2.69 17.98 22.10
C SER A 28 3.92 17.15 22.44
N VAL A 29 5.06 17.81 22.58
CA VAL A 29 6.24 17.09 23.03
C VAL A 29 6.16 16.96 24.54
N LEU A 30 6.20 18.10 25.23
CA LEU A 30 6.05 18.19 26.68
C LEU A 30 5.89 19.66 27.04
N ARG A 31 5.59 19.89 28.32
CA ARG A 31 5.51 21.22 28.89
C ARG A 31 6.65 21.41 29.87
N VAL A 32 7.30 22.56 29.81
CA VAL A 32 8.41 22.88 30.69
C VAL A 32 7.90 23.79 31.80
N LYS A 33 8.70 23.89 32.87
CA LYS A 33 8.35 24.79 33.97
C LYS A 33 9.64 25.20 34.66
N ALA A 34 10.12 26.41 34.37
CA ALA A 34 11.20 27.04 35.11
C ALA A 34 10.55 27.93 36.16
N THR A 35 10.58 27.48 37.42
CA THR A 35 9.76 28.09 38.45
C THR A 35 10.40 29.37 38.99
N ASP A 36 9.54 30.27 39.45
CA ASP A 36 10.00 31.40 40.24
C ASP A 36 10.50 30.88 41.58
N ARG A 37 11.52 31.54 42.14
CA ARG A 37 12.19 30.99 43.32
C ARG A 37 11.36 31.19 44.59
N ASP A 38 10.87 32.40 44.84
CA ASP A 38 10.14 32.70 46.07
C ASP A 38 8.76 33.27 45.83
N THR A 39 8.64 34.29 44.97
CA THR A 39 7.42 35.08 44.92
C THR A 39 6.27 34.38 44.21
N GLY A 40 6.57 33.40 43.37
CA GLY A 40 5.52 32.70 42.62
C GLY A 40 4.92 33.55 41.52
N ASN A 41 5.61 34.62 41.14
CA ASN A 41 5.16 35.48 40.05
C ASN A 41 5.83 35.04 38.74
N TYR A 42 5.60 33.78 38.38
CA TYR A 42 6.19 33.20 37.19
C TYR A 42 5.26 33.26 35.98
N SER A 43 4.21 34.08 36.04
CA SER A 43 3.42 34.38 34.85
C SER A 43 4.09 35.42 33.96
N ALA A 44 5.12 36.10 34.47
CA ALA A 44 5.95 36.99 33.69
C ALA A 44 7.15 36.27 33.09
N MET A 45 7.08 34.96 32.92
CA MET A 45 8.15 34.19 32.32
C MET A 45 7.88 33.98 30.84
N ALA A 46 8.92 34.18 30.03
CA ALA A 46 8.83 34.01 28.58
C ALA A 46 9.77 32.88 28.19
N TYR A 47 9.21 31.68 28.01
CA TYR A 47 10.00 30.53 27.62
C TYR A 47 10.39 30.64 26.16
N ARG A 48 11.69 30.74 25.90
CA ARG A 48 12.20 30.89 24.54
C ARG A 48 13.31 29.86 24.32
N LEU A 49 13.91 29.88 23.14
CA LEU A 49 14.83 28.84 22.74
C LEU A 49 16.16 29.39 22.25
N ILE A 50 17.17 28.52 22.29
CA ILE A 50 18.43 28.68 21.57
C ILE A 50 18.69 27.37 20.86
N ILE A 51 18.71 27.39 19.53
CA ILE A 51 18.64 26.19 18.73
C ILE A 51 19.88 26.12 17.85
N PRO A 52 20.62 25.02 17.85
CA PRO A 52 21.70 24.84 16.87
C PRO A 52 21.14 24.69 15.47
N PRO A 53 21.91 25.07 14.45
CA PRO A 53 21.37 25.05 13.08
C PRO A 53 21.15 23.63 12.57
N ILE A 54 20.12 23.50 11.74
CA ILE A 54 19.71 22.22 11.17
C ILE A 54 19.84 22.38 9.66
N LYS A 55 19.99 21.25 8.95
CA LYS A 55 20.09 21.23 7.50
C LYS A 55 18.86 21.86 6.84
N GLU A 56 19.09 22.51 5.71
CA GLU A 56 18.11 23.19 4.85
C GLU A 56 17.37 24.33 5.55
N GLY A 57 17.84 24.80 6.69
CA GLY A 57 17.15 25.86 7.40
C GLY A 57 15.95 25.41 8.20
N LYS A 58 16.00 24.23 8.80
CA LYS A 58 14.91 23.78 9.65
C LYS A 58 14.92 24.51 10.97
N GLU A 59 13.75 24.89 11.44
CA GLU A 59 13.64 25.30 12.84
C GLU A 59 13.34 24.10 13.72
N GLY A 60 12.59 23.13 13.20
CA GLY A 60 12.53 21.80 13.79
C GLY A 60 11.73 21.68 15.07
N PHE A 61 12.25 22.24 16.16
CA PHE A 61 11.63 22.14 17.47
C PHE A 61 11.32 23.54 17.98
N VAL A 62 10.04 23.78 18.29
CA VAL A 62 9.63 25.09 18.76
C VAL A 62 8.99 24.97 20.13
N VAL A 63 8.58 26.10 20.69
CA VAL A 63 7.86 26.13 21.95
C VAL A 63 7.01 27.39 21.93
N GLU A 64 5.99 27.43 22.78
CA GLU A 64 5.20 28.64 22.94
C GLU A 64 5.91 29.54 23.94
N THR A 65 5.27 30.64 24.31
CA THR A 65 5.92 31.62 25.17
C THR A 65 5.42 31.54 26.61
N TYR A 66 4.10 31.62 26.81
CA TYR A 66 3.54 31.67 28.15
C TYR A 66 2.84 30.38 28.54
N THR A 67 3.14 29.27 27.85
CA THR A 67 2.68 27.96 28.28
C THR A 67 3.80 26.97 28.48
N GLY A 68 4.95 27.14 27.85
CA GLY A 68 6.06 26.22 27.99
C GLY A 68 5.90 24.91 27.24
N LEU A 69 4.91 24.81 26.36
CA LEU A 69 4.60 23.56 25.69
C LEU A 69 5.47 23.44 24.43
N ILE A 70 6.29 22.40 24.39
CA ILE A 70 7.22 22.22 23.27
C ILE A 70 6.48 21.59 22.10
N LYS A 71 6.65 22.17 20.91
CA LYS A 71 6.02 21.65 19.71
C LYS A 71 7.07 21.46 18.63
N THR A 72 6.62 20.98 17.47
CA THR A 72 7.50 20.54 16.40
C THR A 72 7.32 21.40 15.17
N ALA A 73 8.40 21.52 14.39
CA ALA A 73 8.40 22.37 13.20
C ALA A 73 9.08 21.66 12.04
N MET A 74 8.91 20.34 11.94
CA MET A 74 9.58 19.57 10.90
C MET A 74 8.85 18.25 10.70
N LEU A 75 8.96 17.72 9.48
CA LEU A 75 8.39 16.43 9.15
C LEU A 75 9.46 15.36 9.10
N PHE A 76 9.02 14.11 8.99
CA PHE A 76 9.90 12.96 9.14
C PHE A 76 9.62 11.88 8.10
N HIS A 77 9.64 12.25 6.82
CA HIS A 77 9.63 11.22 5.78
C HIS A 77 10.89 10.37 5.88
N ASN A 78 10.72 9.15 6.38
CA ASN A 78 11.71 8.08 6.49
C ASN A 78 12.89 8.39 7.42
N MET A 79 12.87 9.50 8.14
CA MET A 79 13.94 9.78 9.08
C MET A 79 13.81 8.90 10.32
N ARG A 80 14.95 8.61 10.94
CA ARG A 80 14.95 7.67 12.05
C ARG A 80 16.16 7.94 12.94
N ARG A 81 15.90 8.06 14.25
CA ARG A 81 16.92 8.25 15.30
C ARG A 81 17.76 9.51 15.07
N SER A 82 17.15 10.55 14.53
CA SER A 82 17.81 11.84 14.35
C SER A 82 17.69 12.63 15.66
N TYR A 83 18.48 12.22 16.64
CA TYR A 83 18.38 12.77 17.97
C TYR A 83 18.97 14.17 18.04
N PHE A 84 18.26 15.07 18.69
CA PHE A 84 18.54 16.49 18.63
C PHE A 84 18.68 17.04 20.05
N LYS A 85 19.80 17.71 20.31
CA LYS A 85 20.02 18.42 21.56
C LYS A 85 20.06 19.92 21.28
N PHE A 86 19.46 20.69 22.17
CA PHE A 86 19.33 22.13 21.96
C PHE A 86 19.23 22.80 23.32
N GLN A 87 19.01 24.10 23.33
CA GLN A 87 18.91 24.89 24.55
C GLN A 87 17.53 25.53 24.64
N VAL A 88 17.12 25.80 25.88
CA VAL A 88 15.86 26.46 26.18
C VAL A 88 16.11 27.49 27.28
N ILE A 89 15.51 28.66 27.14
CA ILE A 89 15.67 29.74 28.10
C ILE A 89 14.28 30.15 28.61
N ALA A 90 14.29 30.95 29.66
CA ALA A 90 13.05 31.45 30.27
C ALA A 90 13.35 32.81 30.87
N THR A 91 12.79 33.87 30.31
CA THR A 91 13.16 35.22 30.66
C THR A 91 12.10 35.82 31.58
N ASP A 92 12.54 36.39 32.68
CA ASP A 92 11.66 37.02 33.66
C ASP A 92 11.12 38.33 33.10
N ASP A 93 10.10 38.87 33.78
CA ASP A 93 9.55 40.22 33.55
C ASP A 93 8.94 40.31 32.16
N TYR A 94 8.12 39.31 31.80
CA TYR A 94 7.45 39.19 30.50
C TYR A 94 8.44 39.23 29.34
N GLY A 95 9.61 38.63 29.55
CA GLY A 95 10.66 38.69 28.56
C GLY A 95 11.61 39.84 28.70
N LYS A 96 11.87 40.30 29.93
CA LYS A 96 12.85 41.37 30.16
C LYS A 96 13.83 41.10 31.28
N GLY A 97 13.55 40.19 32.21
CA GLY A 97 14.42 39.97 33.36
C GLY A 97 15.56 39.02 33.06
N LEU A 98 16.05 38.36 34.11
CA LEU A 98 17.15 37.42 33.98
C LEU A 98 16.63 36.03 33.65
N SER A 99 17.55 35.10 33.43
CA SER A 99 17.18 33.82 32.83
C SER A 99 18.06 32.71 33.37
N GLY A 100 17.51 31.50 33.35
CA GLY A 100 18.31 30.29 33.46
C GLY A 100 18.08 29.47 32.20
N LYS A 101 19.04 28.61 31.89
CA LYS A 101 18.96 27.80 30.68
C LYS A 101 19.09 26.32 31.00
N ALA A 102 18.52 25.50 30.12
CA ALA A 102 18.54 24.05 30.26
C ALA A 102 18.53 23.44 28.86
N ASP A 103 18.63 22.12 28.79
CA ASP A 103 18.75 21.42 27.52
C ASP A 103 17.72 20.31 27.45
N VAL A 104 17.39 19.90 26.23
CA VAL A 104 16.42 18.83 25.98
C VAL A 104 16.95 17.93 24.88
N LEU A 105 16.98 16.63 25.14
CA LEU A 105 17.15 15.61 24.11
C LEU A 105 15.78 15.11 23.66
N VAL A 106 15.62 14.99 22.34
CA VAL A 106 14.40 14.44 21.73
C VAL A 106 14.80 13.41 20.68
N SER A 107 14.23 12.22 20.77
CA SER A 107 14.42 11.17 19.78
CA SER A 107 14.42 11.17 19.78
C SER A 107 13.16 11.02 18.93
N VAL A 108 13.31 10.36 17.77
CA VAL A 108 12.25 10.20 16.80
C VAL A 108 12.02 8.71 16.54
N VAL A 109 10.91 8.16 17.01
CA VAL A 109 10.76 6.71 17.03
C VAL A 109 9.78 6.26 15.93
N ASN A 110 9.94 5.01 15.51
CA ASN A 110 9.10 4.42 14.48
C ASN A 110 7.96 3.63 15.10
N GLN A 111 7.26 2.88 14.25
CA GLN A 111 6.28 1.93 14.73
C GLN A 111 6.94 0.78 15.49
N LEU A 112 8.17 0.46 15.15
CA LEU A 112 8.89 -0.67 15.72
C LEU A 112 9.52 -0.35 17.07
N ASP A 113 9.44 0.90 17.51
CA ASP A 113 9.88 1.28 18.84
C ASP A 113 8.68 1.50 19.74
N MET A 114 7.66 0.67 19.54
CA MET A 114 6.39 0.80 20.25
C MET A 114 6.03 -0.55 20.87
N GLN A 115 5.58 -0.52 22.12
CA GLN A 115 4.93 -1.67 22.76
C GLN A 115 3.73 -1.20 23.54
N VAL A 116 2.63 -1.90 23.36
CA VAL A 116 1.35 -1.48 23.92
C VAL A 116 1.20 -2.01 25.33
N ILE A 117 0.89 -1.11 26.26
CA ILE A 117 0.45 -1.52 27.59
C ILE A 117 -1.07 -1.68 27.56
N VAL A 118 -1.54 -2.83 28.00
CA VAL A 118 -2.97 -3.12 28.07
C VAL A 118 -3.35 -3.31 29.52
N SER A 119 -4.34 -2.55 29.97
CA SER A 119 -4.91 -2.70 31.30
C SER A 119 -6.41 -2.83 31.15
N ASN A 120 -7.08 -3.01 32.28
CA ASN A 120 -8.50 -3.35 32.33
C ASN A 120 -9.39 -2.17 32.69
N VAL A 121 -9.05 -0.98 32.20
CA VAL A 121 -9.73 0.27 32.56
C VAL A 121 -10.16 1.01 31.30
N PRO A 122 -11.16 1.89 31.38
CA PRO A 122 -11.53 2.71 30.21
C PRO A 122 -10.43 3.69 29.85
N PRO A 123 -10.27 4.00 28.57
CA PRO A 123 -9.11 4.80 28.14
C PRO A 123 -9.20 6.27 28.51
N THR A 124 -10.38 6.79 28.76
CA THR A 124 -10.47 8.21 29.11
C THR A 124 -10.01 8.45 30.52
N LEU A 125 -10.20 7.48 31.41
CA LEU A 125 -9.60 7.55 32.74
C LEU A 125 -8.07 7.47 32.64
N VAL A 126 -7.57 6.68 31.67
CA VAL A 126 -6.14 6.57 31.44
C VAL A 126 -5.57 7.92 31.00
N GLU A 127 -6.20 8.55 30.02
CA GLU A 127 -5.69 9.81 29.52
C GLU A 127 -5.95 10.94 30.51
N LYS A 128 -6.94 10.77 31.39
CA LYS A 128 -7.14 11.68 32.50
C LYS A 128 -5.96 11.64 33.46
N LYS A 129 -5.62 10.45 33.95
CA LYS A 129 -4.62 10.31 34.99
C LYS A 129 -3.23 10.00 34.46
N ILE A 130 -2.99 10.22 33.15
CA ILE A 130 -1.73 9.90 32.48
C ILE A 130 -0.51 10.57 33.12
N GLU A 131 -0.71 11.72 33.77
CA GLU A 131 0.34 12.37 34.54
C GLU A 131 0.84 11.48 35.66
N ASP A 132 -0.07 11.03 36.53
CA ASP A 132 0.32 10.16 37.63
C ASP A 132 0.71 8.78 37.15
N LEU A 133 0.15 8.32 36.02
CA LEU A 133 0.54 7.04 35.46
C LEU A 133 2.00 7.04 35.04
N THR A 134 2.39 8.04 34.25
CA THR A 134 3.78 8.20 33.85
C THR A 134 4.66 8.48 35.05
N GLU A 135 4.11 9.13 36.08
CA GLU A 135 4.85 9.41 37.30
C GLU A 135 5.20 8.13 38.06
N ILE A 136 4.23 7.22 38.19
CA ILE A 136 4.49 5.98 38.91
C ILE A 136 5.40 5.06 38.09
N LEU A 137 5.19 5.03 36.76
CA LEU A 137 6.09 4.30 35.87
C LEU A 137 7.52 4.79 35.99
N ASP A 138 7.78 6.06 35.71
CA ASP A 138 9.12 6.62 35.86
C ASP A 138 9.58 6.78 37.31
N ARG A 139 8.75 6.44 38.29
CA ARG A 139 9.27 6.25 39.64
C ARG A 139 9.88 4.87 39.78
N TYR A 140 9.17 3.84 39.33
CA TYR A 140 9.62 2.48 39.56
C TYR A 140 10.37 1.87 38.38
N VAL A 141 10.67 2.66 37.34
CA VAL A 141 11.48 2.20 36.23
C VAL A 141 12.89 2.80 36.27
N GLN A 142 13.05 4.04 36.76
CA GLN A 142 14.36 4.68 36.84
C GLN A 142 15.32 4.03 37.82
N GLU A 143 14.91 2.99 38.56
CA GLU A 143 15.86 2.16 39.25
C GLU A 143 16.64 1.24 38.31
N GLN A 144 16.16 1.07 37.06
CA GLN A 144 17.03 0.52 36.02
C GLN A 144 18.14 1.50 35.69
N ILE A 145 17.77 2.67 35.16
CA ILE A 145 18.70 3.75 34.82
C ILE A 145 18.07 5.07 35.22
N PRO A 146 18.72 5.87 36.07
CA PRO A 146 18.28 7.26 36.22
C PRO A 146 18.52 8.04 34.93
N GLY A 147 17.44 8.44 34.27
CA GLY A 147 17.56 9.02 32.94
C GLY A 147 16.59 8.37 31.97
N ALA A 148 15.63 7.63 32.51
CA ALA A 148 14.57 7.02 31.72
C ALA A 148 13.27 7.79 31.93
N LYS A 149 12.55 8.02 30.85
CA LYS A 149 11.33 8.83 30.91
C LYS A 149 10.33 8.23 29.93
N VAL A 150 9.25 7.64 30.47
CA VAL A 150 8.21 7.05 29.65
C VAL A 150 7.53 8.10 28.80
N VAL A 151 7.56 7.90 27.49
CA VAL A 151 6.99 8.83 26.53
C VAL A 151 5.78 8.16 25.91
N VAL A 152 4.59 8.67 26.25
CA VAL A 152 3.34 8.10 25.79
C VAL A 152 3.08 8.56 24.36
N GLU A 153 2.86 7.61 23.45
CA GLU A 153 2.59 7.96 22.06
C GLU A 153 1.11 8.15 21.77
N SER A 154 0.31 7.12 21.99
CA SER A 154 -1.10 7.20 21.65
C SER A 154 -1.88 6.23 22.54
N ILE A 155 -3.07 6.67 22.96
CA ILE A 155 -3.87 5.92 23.92
C ILE A 155 -5.20 5.58 23.27
N GLY A 156 -5.30 4.36 22.71
CA GLY A 156 -6.51 3.93 22.04
C GLY A 156 -7.20 2.79 22.77
N ALA A 157 -8.33 2.39 22.21
CA ALA A 157 -9.02 1.21 22.71
C ALA A 157 -8.33 -0.05 22.19
N ARG A 158 -8.60 -1.16 22.86
CA ARG A 158 -7.77 -2.36 22.72
C ARG A 158 -7.95 -3.02 21.35
N ARG A 159 -6.88 -3.03 20.56
CA ARG A 159 -6.89 -3.64 19.24
C ARG A 159 -6.88 -5.16 19.35
N HIS A 160 -7.92 -5.79 18.82
CA HIS A 160 -8.00 -7.24 18.74
C HIS A 160 -8.96 -7.60 17.62
N GLY A 161 -9.30 -8.88 17.52
CA GLY A 161 -10.29 -9.30 16.54
C GLY A 161 -9.75 -9.63 15.18
N ASP A 162 -10.56 -9.38 14.15
CA ASP A 162 -10.24 -9.74 12.76
C ASP A 162 -9.10 -8.88 12.26
N ALA A 163 -7.90 -9.46 12.22
CA ALA A 163 -6.64 -8.78 11.89
C ALA A 163 -6.41 -7.55 12.77
N TYR A 164 -6.72 -7.70 14.06
CA TYR A 164 -6.59 -6.66 15.09
C TYR A 164 -7.36 -5.39 14.70
N SER A 165 -8.65 -5.56 14.43
CA SER A 165 -9.50 -4.44 14.02
C SER A 165 -10.77 -4.41 14.85
N LEU A 166 -10.63 -4.55 16.17
CA LEU A 166 -11.73 -4.29 17.08
C LEU A 166 -11.24 -3.39 18.21
N GLU A 167 -12.20 -2.94 19.03
CA GLU A 167 -11.93 -2.03 20.14
C GLU A 167 -12.63 -2.53 21.40
N ASP A 168 -11.87 -2.65 22.47
CA ASP A 168 -12.43 -2.94 23.78
C ASP A 168 -12.39 -1.65 24.59
N TYR A 169 -13.54 -1.26 25.13
CA TYR A 169 -13.69 -0.01 25.85
C TYR A 169 -13.55 -0.19 27.34
N SER A 170 -13.83 -1.41 27.82
CA SER A 170 -13.49 -1.77 29.19
C SER A 170 -11.98 -1.83 29.39
N LYS A 171 -11.23 -2.05 28.33
CA LYS A 171 -9.78 -2.15 28.38
C LYS A 171 -9.19 -1.01 27.55
N CYS A 172 -7.86 -1.05 27.35
CA CYS A 172 -7.19 0.12 26.81
C CYS A 172 -5.87 -0.26 26.15
N ASP A 173 -5.43 0.57 25.21
CA ASP A 173 -4.09 0.50 24.65
C ASP A 173 -3.28 1.72 25.08
N LEU A 174 -2.01 1.49 25.38
CA LEU A 174 -1.13 2.52 25.92
C LEU A 174 0.24 2.35 25.28
N THR A 175 0.59 3.26 24.39
CA THR A 175 1.82 3.13 23.61
C THR A 175 2.91 4.01 24.20
N VAL A 176 3.93 3.37 24.77
CA VAL A 176 4.93 4.04 25.59
C VAL A 176 6.32 3.74 25.04
N TYR A 177 7.31 4.50 25.53
CA TYR A 177 8.73 4.18 25.47
C TYR A 177 9.51 5.07 26.42
N ALA A 178 10.57 4.54 27.02
CA ALA A 178 11.42 5.24 27.97
C ALA A 178 12.56 5.93 27.21
N ILE A 179 13.56 6.39 27.95
CA ILE A 179 14.64 7.20 27.39
C ILE A 179 15.99 6.52 27.61
N ASP A 180 16.80 6.54 26.54
CA ASP A 180 18.24 6.30 26.50
C ASP A 180 18.98 7.59 26.86
N PRO A 181 19.48 7.73 28.09
CA PRO A 181 20.22 8.95 28.44
C PRO A 181 21.71 8.88 28.12
N GLN A 182 22.22 7.76 27.62
CA GLN A 182 23.66 7.59 27.47
C GLN A 182 24.10 7.53 26.01
N THR A 183 23.56 6.59 25.23
CA THR A 183 23.85 6.60 23.79
C THR A 183 22.85 7.45 23.02
N ASN A 184 21.79 7.90 23.68
CA ASN A 184 20.98 9.06 23.27
C ASN A 184 20.28 8.82 21.94
N ARG A 185 19.47 7.76 21.88
CA ARG A 185 18.76 7.43 20.66
C ARG A 185 17.50 6.66 21.02
N ALA A 186 16.79 6.19 19.99
CA ALA A 186 15.56 5.47 20.18
C ALA A 186 15.83 4.07 20.73
N ILE A 187 14.78 3.46 21.27
CA ILE A 187 14.89 2.21 22.00
C ILE A 187 14.02 1.16 21.33
N ASP A 188 14.62 0.00 21.06
CA ASP A 188 13.94 -1.11 20.43
C ASP A 188 12.89 -1.68 21.39
N ARG A 189 11.91 -2.39 20.81
CA ARG A 189 10.70 -2.76 21.51
C ARG A 189 10.87 -3.88 22.53
N ASN A 190 11.93 -4.68 22.43
CA ASN A 190 12.01 -5.84 23.31
C ASN A 190 12.56 -5.47 24.68
N GLU A 191 13.49 -4.53 24.75
CA GLU A 191 13.89 -4.01 26.06
C GLU A 191 12.78 -3.17 26.66
N LEU A 192 11.99 -2.52 25.81
CA LEU A 192 10.75 -1.87 26.24
C LEU A 192 9.77 -2.87 26.85
N PHE A 193 9.74 -4.09 26.34
CA PHE A 193 8.98 -5.14 27.01
C PHE A 193 9.61 -5.52 28.34
N LYS A 194 10.90 -5.84 28.34
CA LYS A 194 11.49 -6.57 29.46
C LYS A 194 11.80 -5.68 30.65
N PHE A 195 12.05 -4.39 30.44
CA PHE A 195 12.28 -3.49 31.57
C PHE A 195 10.99 -3.22 32.35
N LEU A 196 9.84 -3.35 31.71
CA LEU A 196 8.55 -3.13 32.35
C LEU A 196 7.98 -4.39 32.95
N ASP A 197 8.10 -5.51 32.22
CA ASP A 197 7.37 -6.73 32.57
C ASP A 197 7.94 -7.41 33.80
N GLY A 198 9.18 -7.10 34.21
CA GLY A 198 9.79 -7.77 35.33
C GLY A 198 9.33 -7.27 36.69
N LYS A 199 8.69 -6.11 36.74
CA LYS A 199 8.20 -5.54 38.00
C LYS A 199 6.74 -5.17 37.85
N LEU A 200 5.94 -6.12 37.34
CA LEU A 200 4.56 -5.81 36.98
C LEU A 200 3.65 -5.75 38.20
N LEU A 201 3.82 -6.68 39.14
CA LEU A 201 2.92 -6.75 40.30
C LEU A 201 3.15 -5.61 41.29
N ASP A 202 4.40 -5.11 41.37
CA ASP A 202 4.72 -3.99 42.24
C ASP A 202 3.96 -2.72 41.86
N ILE A 203 3.65 -2.55 40.58
CA ILE A 203 2.88 -1.42 40.11
C ILE A 203 1.40 -1.76 39.98
N ASN A 204 1.06 -3.05 39.82
CA ASN A 204 -0.31 -3.51 40.05
C ASN A 204 -0.80 -3.22 41.46
N LYS A 205 0.12 -3.18 42.43
CA LYS A 205 -0.20 -2.69 43.77
C LYS A 205 -0.66 -1.22 43.73
N ASP A 206 -0.05 -0.42 42.88
CA ASP A 206 -0.03 1.03 43.08
C ASP A 206 -1.19 1.77 42.43
N PHE A 207 -1.82 1.19 41.41
CA PHE A 207 -2.86 1.88 40.66
C PHE A 207 -4.24 1.77 41.28
N GLN A 208 -4.34 1.30 42.52
CA GLN A 208 -5.62 1.21 43.20
C GLN A 208 -6.25 2.57 43.55
N PRO A 209 -5.50 3.63 43.90
CA PRO A 209 -6.14 4.96 43.90
C PRO A 209 -6.34 5.55 42.52
N TYR A 210 -5.89 4.88 41.46
CA TYR A 210 -5.89 5.46 40.13
C TYR A 210 -6.79 4.70 39.17
N TYR A 211 -6.64 3.38 39.07
CA TYR A 211 -7.63 2.59 38.34
C TYR A 211 -8.95 2.53 39.10
N GLY A 212 -8.88 2.47 40.41
CA GLY A 212 -10.06 2.21 41.23
C GLY A 212 -9.97 0.83 41.85
N GLU A 213 -11.04 0.06 41.76
CA GLU A 213 -11.05 -1.30 42.28
C GLU A 213 -11.46 -2.27 41.18
N GLY A 214 -10.96 -3.50 41.30
CA GLY A 214 -11.07 -4.45 40.21
C GLY A 214 -10.26 -4.06 39.01
N GLY A 215 -9.11 -3.43 39.21
CA GLY A 215 -8.30 -2.94 38.11
C GLY A 215 -6.83 -3.19 38.32
N ARG A 216 -6.16 -3.55 37.23
CA ARG A 216 -4.73 -3.86 37.24
C ARG A 216 -4.15 -3.83 35.83
N ILE A 217 -2.84 -3.92 35.71
CA ILE A 217 -2.21 -4.02 34.40
C ILE A 217 -2.31 -5.46 33.94
N LEU A 218 -2.73 -5.66 32.70
CA LEU A 218 -3.01 -6.99 32.18
C LEU A 218 -1.78 -7.61 31.51
N GLU A 219 -1.28 -6.96 30.45
CA GLU A 219 -0.29 -7.58 29.58
C GLU A 219 0.50 -6.49 28.87
N ILE A 220 1.62 -6.88 28.28
CA ILE A 220 2.48 -5.98 27.52
C ILE A 220 2.61 -6.62 26.13
N ARG A 221 1.79 -6.17 25.18
CA ARG A 221 1.77 -6.78 23.85
C ARG A 221 2.25 -5.79 22.80
N THR A 222 2.52 -6.33 21.59
CA THR A 222 3.08 -5.92 20.31
C THR A 222 2.02 -5.21 19.47
N PRO A 223 2.36 -4.06 18.87
CA PRO A 223 1.41 -3.33 18.01
C PRO A 223 1.03 -4.07 16.74
N GLU A 224 0.11 -3.46 15.98
CA GLU A 224 -0.52 -4.12 14.84
C GLU A 224 0.34 -4.08 13.59
N ALA A 225 1.10 -3.01 13.38
CA ALA A 225 1.81 -2.82 12.12
C ALA A 225 3.02 -3.73 12.01
N VAL A 226 3.44 -4.35 13.12
CA VAL A 226 4.48 -5.38 13.08
C VAL A 226 4.03 -6.57 12.26
N THR A 227 2.74 -6.92 12.36
CA THR A 227 2.17 -8.05 11.62
C THR A 227 2.12 -7.75 10.11
N SER A 228 1.93 -6.48 9.74
CA SER A 228 1.79 -6.11 8.33
C SER A 228 3.11 -6.21 7.57
N ILE A 229 4.23 -6.34 8.30
CA ILE A 229 5.55 -6.42 7.69
C ILE A 229 5.68 -7.70 6.87
N LYS A 230 5.08 -8.79 7.36
CA LYS A 230 4.99 -10.00 6.56
C LYS A 230 4.05 -9.80 5.37
N LYS A 231 3.03 -8.95 5.55
CA LYS A 231 1.98 -8.85 4.53
C LYS A 231 2.46 -8.07 3.31
N ARG A 232 3.33 -7.07 3.49
CA ARG A 232 3.78 -6.33 2.32
C ARG A 232 4.81 -7.12 1.50
N GLY A 233 5.40 -8.15 2.09
CA GLY A 233 6.37 -8.96 1.35
C GLY A 233 5.64 -9.87 0.38
N GLU A 234 5.75 -9.59 -0.91
CA GLU A 234 5.06 -10.39 -1.91
C GLU A 234 5.89 -11.60 -2.31
N SER A 235 5.29 -12.50 -3.08
CA SER A 235 5.86 -13.83 -3.29
C SER A 235 5.66 -14.24 -4.74
N LEU A 236 5.88 -15.52 -5.01
CA LEU A 236 5.64 -16.10 -6.32
C LEU A 236 4.14 -16.32 -6.50
N GLY A 237 3.59 -15.77 -7.56
CA GLY A 237 2.17 -15.92 -7.82
C GLY A 237 1.85 -17.19 -8.55
N TYR A 238 0.99 -17.11 -9.57
CA TYR A 238 0.59 -18.30 -10.30
C TYR A 238 0.69 -18.08 -11.79
N THR A 239 0.56 -16.83 -12.23
CA THR A 239 0.84 -16.48 -13.63
C THR A 239 2.31 -16.70 -13.93
N GLU A 240 3.15 -16.31 -12.98
CA GLU A 240 4.58 -16.65 -13.00
C GLU A 240 4.75 -18.16 -13.07
N GLY A 241 4.03 -18.88 -12.20
CA GLY A 241 4.04 -20.32 -12.22
C GLY A 241 3.48 -20.89 -13.50
N ALA A 242 2.56 -20.18 -14.14
CA ALA A 242 2.05 -20.62 -15.44
C ALA A 242 3.13 -20.56 -16.51
N LEU A 243 3.91 -19.47 -16.51
CA LEU A 243 4.99 -19.36 -17.48
C LEU A 243 6.08 -20.39 -17.23
N LEU A 244 6.39 -20.63 -15.94
CA LEU A 244 7.34 -21.68 -15.59
C LEU A 244 6.82 -23.05 -16.01
N ALA A 245 5.51 -23.27 -15.88
CA ALA A 245 4.92 -24.53 -16.29
C ALA A 245 4.95 -24.68 -17.80
N LEU A 246 4.84 -23.57 -18.54
CA LEU A 246 5.02 -23.62 -19.99
C LEU A 246 6.41 -24.10 -20.36
N ALA A 247 7.43 -23.54 -19.70
CA ALA A 247 8.81 -23.95 -19.97
C ALA A 247 9.02 -25.42 -19.62
N PHE A 248 8.44 -25.85 -18.51
CA PHE A 248 8.60 -27.23 -18.07
C PHE A 248 7.87 -28.21 -18.97
N ILE A 249 6.69 -27.81 -19.45
CA ILE A 249 5.95 -28.60 -20.45
C ILE A 249 6.76 -28.75 -21.72
N ILE A 250 7.38 -27.68 -22.20
CA ILE A 250 7.99 -27.76 -23.52
C ILE A 250 9.31 -28.55 -23.46
N ILE A 251 10.03 -28.48 -22.33
CA ILE A 251 11.19 -29.38 -22.22
C ILE A 251 10.73 -30.83 -22.03
N LEU A 252 9.59 -31.01 -21.35
CA LEU A 252 9.02 -32.35 -21.18
C LEU A 252 8.50 -32.91 -22.49
N CYS A 253 8.16 -32.04 -23.45
CA CYS A 253 7.78 -32.50 -24.77
C CYS A 253 8.99 -32.78 -25.64
N CYS A 254 10.04 -31.97 -25.51
CA CYS A 254 11.15 -32.08 -26.45
C CYS A 254 12.06 -33.25 -26.14
N ILE A 255 12.12 -33.70 -24.87
CA ILE A 255 12.98 -34.86 -24.54
C ILE A 255 12.53 -36.16 -25.23
N PRO A 256 11.24 -36.56 -25.21
CA PRO A 256 10.88 -37.77 -25.99
C PRO A 256 10.97 -37.54 -27.49
N ALA A 257 10.87 -36.30 -27.95
CA ALA A 257 11.13 -36.01 -29.35
C ALA A 257 12.57 -36.34 -29.72
N ILE A 258 13.52 -35.99 -28.85
CA ILE A 258 14.92 -36.36 -29.03
C ILE A 258 15.08 -37.86 -29.11
N LEU A 259 14.44 -38.57 -28.17
CA LEU A 259 14.62 -40.03 -28.13
C LEU A 259 13.98 -40.72 -29.34
N VAL A 260 12.80 -40.26 -29.76
CA VAL A 260 12.12 -40.86 -30.90
C VAL A 260 12.85 -40.56 -32.21
N VAL A 261 13.43 -39.36 -32.35
CA VAL A 261 14.16 -39.10 -33.58
C VAL A 261 15.53 -39.82 -33.56
N LEU A 262 16.08 -40.09 -32.37
CA LEU A 262 17.22 -41.00 -32.26
C LEU A 262 16.89 -42.39 -32.79
N VAL A 263 15.76 -42.95 -32.33
CA VAL A 263 15.31 -44.25 -32.83
C VAL A 263 14.99 -44.19 -34.32
N SER A 264 14.49 -43.04 -34.77
CA SER A 264 14.13 -42.83 -36.17
C SER A 264 15.35 -42.91 -37.08
N TYR A 265 16.38 -42.12 -36.77
CA TYR A 265 17.59 -42.16 -37.59
C TYR A 265 18.35 -43.47 -37.41
N ARG A 266 18.22 -44.13 -36.25
CA ARG A 266 18.85 -45.45 -36.06
C ARG A 266 18.20 -46.50 -36.95
N GLN A 267 16.86 -46.52 -37.01
CA GLN A 267 16.18 -47.47 -37.89
C GLN A 267 16.34 -47.08 -39.36
N PHE A 268 16.54 -45.78 -39.62
CA PHE A 268 16.92 -45.34 -40.97
C PHE A 268 18.27 -45.91 -41.37
N LYS A 269 19.21 -45.98 -40.42
CA LYS A 269 20.48 -46.62 -40.69
C LYS A 269 20.33 -48.14 -40.85
N VAL A 270 19.40 -48.73 -40.10
CA VAL A 270 19.20 -50.18 -40.16
C VAL A 270 18.61 -50.58 -41.51
N ARG A 271 17.51 -49.96 -41.89
CA ARG A 271 16.91 -50.21 -43.20
C ARG A 271 17.24 -49.06 -44.16
N HIS B 22 10.58 -45.17 -45.32
CA HIS B 22 10.84 -44.49 -44.07
C HIS B 22 9.78 -43.43 -43.82
N THR B 23 8.56 -43.87 -44.05
CA THR B 23 7.40 -42.98 -44.17
C THR B 23 7.06 -42.34 -42.83
N ASN B 24 6.99 -43.14 -41.76
CA ASN B 24 6.70 -42.61 -40.43
C ASN B 24 7.84 -41.76 -39.91
N TYR B 25 9.05 -41.98 -40.42
CA TYR B 25 10.18 -41.19 -39.97
C TYR B 25 10.18 -39.82 -40.60
N VAL B 26 9.73 -39.72 -41.86
CA VAL B 26 9.57 -38.39 -42.44
C VAL B 26 8.33 -37.70 -41.85
N ARG B 27 7.31 -38.48 -41.41
CA ARG B 27 6.21 -37.92 -40.60
C ARG B 27 6.78 -37.22 -39.38
N ASN B 28 7.67 -37.91 -38.66
CA ASN B 28 8.32 -37.36 -37.48
C ASN B 28 9.13 -36.13 -37.83
N SER B 29 9.79 -36.14 -38.99
CA SER B 29 10.62 -35.03 -39.44
C SER B 29 9.82 -33.75 -39.60
N ARG B 30 8.78 -33.78 -40.44
CA ARG B 30 8.00 -32.56 -40.67
C ARG B 30 7.17 -32.17 -39.44
N ALA B 31 6.78 -33.17 -38.63
CA ALA B 31 6.06 -32.92 -37.38
C ALA B 31 6.91 -32.10 -36.41
N VAL B 32 8.12 -32.57 -36.12
CA VAL B 32 8.99 -31.86 -35.21
C VAL B 32 9.50 -30.55 -35.82
N GLY B 33 9.51 -30.42 -37.15
CA GLY B 33 9.77 -29.11 -37.76
C GLY B 33 8.74 -28.04 -37.44
N VAL B 34 7.47 -28.40 -37.57
CA VAL B 34 6.47 -27.40 -37.20
C VAL B 34 6.39 -27.28 -35.66
N MET B 35 6.86 -28.30 -34.93
CA MET B 35 7.07 -28.14 -33.50
C MET B 35 8.13 -27.09 -33.20
N TRP B 36 9.19 -27.02 -34.02
CA TRP B 36 10.17 -25.95 -33.86
C TRP B 36 9.51 -24.60 -34.01
N GLY B 37 8.65 -24.47 -35.03
CA GLY B 37 7.90 -23.23 -35.20
C GLY B 37 7.08 -22.83 -34.00
N THR B 38 6.28 -23.77 -33.48
CA THR B 38 5.37 -23.46 -32.39
C THR B 38 6.11 -23.20 -31.08
N LEU B 39 7.03 -24.08 -30.70
CA LEU B 39 7.69 -23.92 -29.42
C LEU B 39 8.68 -22.76 -29.45
N THR B 40 9.19 -22.43 -30.64
CA THR B 40 10.06 -21.27 -30.78
C THR B 40 9.28 -19.97 -30.57
N ILE B 41 8.08 -19.87 -31.15
CA ILE B 41 7.35 -18.62 -30.94
C ILE B 41 6.77 -18.55 -29.52
N CYS B 42 6.54 -19.71 -28.91
CA CYS B 42 6.19 -19.74 -27.48
C CYS B 42 7.32 -19.19 -26.62
N PHE B 43 8.56 -19.58 -26.91
CA PHE B 43 9.62 -18.99 -26.08
C PHE B 43 10.02 -17.60 -26.52
N SER B 44 9.60 -17.17 -27.71
CA SER B 44 9.74 -15.77 -28.08
C SER B 44 8.90 -14.90 -27.15
N VAL B 45 7.63 -15.28 -26.96
CA VAL B 45 6.85 -14.45 -26.04
C VAL B 45 7.21 -14.72 -24.59
N LEU B 46 7.80 -15.89 -24.28
CA LEU B 46 8.34 -16.09 -22.94
C LEU B 46 9.48 -15.14 -22.62
N VAL B 47 10.43 -14.98 -23.55
CA VAL B 47 11.56 -14.10 -23.30
C VAL B 47 11.12 -12.64 -23.35
N MET B 48 10.13 -12.32 -24.19
CA MET B 48 9.59 -10.97 -24.19
C MET B 48 8.86 -10.66 -22.88
N ALA B 49 8.23 -11.67 -22.29
CA ALA B 49 7.66 -11.52 -20.96
C ALA B 49 8.75 -11.38 -19.90
N LEU B 50 9.88 -12.05 -20.11
CA LEU B 50 11.02 -11.90 -19.20
C LEU B 50 11.60 -10.49 -19.29
N PHE B 51 11.44 -9.83 -20.42
CA PHE B 51 11.85 -8.43 -20.52
C PHE B 51 10.85 -7.50 -19.86
N ILE B 52 9.57 -7.61 -20.19
CA ILE B 52 8.66 -6.51 -19.86
C ILE B 52 7.93 -6.79 -18.53
N GLN B 53 8.51 -7.61 -17.68
CA GLN B 53 8.05 -7.84 -16.31
C GLN B 53 8.32 -6.61 -15.42
N PRO B 54 7.76 -6.57 -14.20
CA PRO B 54 8.26 -5.58 -13.23
C PRO B 54 9.22 -6.15 -12.18
N TYR B 55 9.35 -7.47 -12.08
CA TYR B 55 10.05 -8.10 -10.95
C TYR B 55 11.29 -8.82 -11.45
N TRP B 56 12.46 -8.34 -11.02
CA TRP B 56 13.69 -9.09 -11.27
C TRP B 56 14.23 -9.75 -10.01
N ILE B 57 14.59 -8.95 -9.00
CA ILE B 57 15.08 -9.43 -7.70
C ILE B 57 14.58 -8.46 -6.65
N GLY B 58 13.99 -8.99 -5.58
CA GLY B 58 13.52 -8.12 -4.51
C GLY B 58 14.20 -8.38 -3.17
N ASP B 59 13.56 -7.94 -2.09
CA ASP B 59 14.02 -8.18 -0.72
C ASP B 59 12.88 -7.88 0.25
N SER B 60 12.77 -8.71 1.28
CA SER B 60 11.94 -8.42 2.45
C SER B 60 12.78 -8.70 3.68
N VAL B 61 13.05 -7.66 4.46
CA VAL B 61 13.88 -7.80 5.65
C VAL B 61 13.10 -8.51 6.77
N GLN B 65 15.84 -1.13 4.60
CA GLN B 65 15.15 -0.79 3.36
C GLN B 65 14.16 -1.89 2.97
N ALA B 66 13.33 -1.60 1.99
CA ALA B 66 12.36 -2.58 1.49
C ALA B 66 12.04 -2.22 0.05
N GLY B 67 12.54 -3.00 -0.90
CA GLY B 67 12.45 -2.64 -2.30
C GLY B 67 12.27 -3.84 -3.18
N TYR B 68 11.69 -3.60 -4.35
CA TYR B 68 11.34 -4.60 -5.35
C TYR B 68 11.99 -4.25 -6.68
N PHE B 69 13.30 -3.99 -6.64
CA PHE B 69 14.07 -3.44 -7.76
C PHE B 69 14.10 -4.36 -8.97
N GLY B 70 14.47 -3.81 -10.13
CA GLY B 70 14.38 -4.59 -11.33
C GLY B 70 15.43 -4.38 -12.40
N LEU B 71 16.56 -3.76 -12.05
CA LEU B 71 17.78 -3.73 -12.87
C LEU B 71 17.66 -2.96 -14.18
N PHE B 72 16.45 -2.54 -14.56
CA PHE B 72 16.20 -1.59 -15.64
C PHE B 72 15.61 -0.31 -15.07
N SER B 73 14.66 -0.48 -14.16
CA SER B 73 14.22 0.51 -13.19
C SER B 73 14.35 -0.11 -11.80
N TYR B 74 14.17 0.70 -10.77
CA TYR B 74 14.28 0.15 -9.42
C TYR B 74 13.38 0.94 -8.48
N CYS B 75 12.36 0.26 -7.94
CA CYS B 75 11.53 0.80 -6.87
C CYS B 75 12.15 0.39 -5.54
N VAL B 76 12.75 1.34 -4.84
CA VAL B 76 13.39 1.09 -3.56
C VAL B 76 12.70 1.95 -2.52
N GLY B 77 12.31 1.34 -1.41
CA GLY B 77 11.72 2.07 -0.31
C GLY B 77 12.10 1.50 1.04
N ASN B 78 11.22 1.68 2.01
CA ASN B 78 11.48 1.30 3.38
C ASN B 78 10.25 0.60 3.95
N VAL B 79 10.23 0.45 5.26
CA VAL B 79 9.24 -0.37 5.92
C VAL B 79 7.87 0.32 5.88
N LEU B 80 6.87 -0.41 5.36
CA LEU B 80 5.46 -0.02 5.30
C LEU B 80 5.21 1.28 4.54
N SER B 81 6.15 1.70 3.69
CA SER B 81 5.96 2.90 2.90
C SER B 81 5.12 2.58 1.69
N SER B 82 4.11 3.41 1.42
CA SER B 82 3.16 3.12 0.36
C SER B 82 3.73 3.47 -1.01
N GLU B 83 4.19 4.70 -1.18
CA GLU B 83 4.58 5.22 -2.49
C GLU B 83 5.98 4.72 -2.84
N LEU B 84 6.12 4.12 -4.00
CA LEU B 84 7.41 3.74 -4.54
C LEU B 84 7.60 4.33 -5.93
N ILE B 85 8.86 4.58 -6.27
CA ILE B 85 9.21 5.14 -7.58
C ILE B 85 10.28 4.24 -8.19
N CYS B 86 9.95 3.59 -9.31
CA CYS B 86 10.94 2.88 -10.10
C CYS B 86 11.68 3.87 -10.99
N LYS B 87 13.01 3.80 -10.98
CA LYS B 87 13.84 4.78 -11.66
C LYS B 87 14.41 4.16 -12.93
N GLY B 88 13.65 4.29 -14.02
CA GLY B 88 14.11 3.80 -15.30
C GLY B 88 12.94 3.34 -16.15
N GLY B 89 13.27 2.52 -17.14
CA GLY B 89 12.30 2.08 -18.12
C GLY B 89 12.92 1.98 -19.50
N PRO B 90 12.38 2.73 -20.46
CA PRO B 90 13.09 2.91 -21.74
C PRO B 90 14.39 3.67 -21.51
N LEU B 91 15.49 2.99 -21.77
CA LEU B 91 16.80 3.38 -21.25
C LEU B 91 17.36 4.60 -21.96
N ASP B 92 18.41 5.16 -21.36
CA ASP B 92 19.23 6.20 -21.96
C ASP B 92 20.68 5.75 -22.09
N PHE B 93 20.93 4.44 -21.98
CA PHE B 93 22.24 3.78 -21.90
C PHE B 93 23.06 4.21 -20.70
N SER B 94 22.48 4.94 -19.74
CA SER B 94 23.18 5.39 -18.55
C SER B 94 22.33 5.38 -17.30
N SER B 95 21.09 4.87 -17.36
CA SER B 95 20.17 5.02 -16.24
C SER B 95 20.46 4.02 -15.12
N ILE B 96 20.84 2.79 -15.46
CA ILE B 96 20.98 1.75 -14.46
C ILE B 96 22.40 1.82 -13.89
N PRO B 97 22.62 1.43 -12.61
CA PRO B 97 23.94 1.64 -12.00
C PRO B 97 25.09 0.84 -12.62
N SER B 98 24.96 -0.48 -12.68
CA SER B 98 26.09 -1.33 -13.03
C SER B 98 26.22 -1.44 -14.55
N ARG B 99 27.45 -1.29 -15.05
CA ARG B 99 27.71 -1.61 -16.44
C ARG B 99 27.64 -3.11 -16.68
N ALA B 100 27.92 -3.92 -15.66
CA ALA B 100 27.68 -5.35 -15.76
C ALA B 100 26.19 -5.64 -15.96
N PHE B 101 25.33 -4.85 -15.33
CA PHE B 101 23.90 -4.94 -15.62
C PHE B 101 23.61 -4.45 -17.04
N LYS B 102 24.30 -3.41 -17.50
CA LYS B 102 24.17 -2.95 -18.90
C LYS B 102 24.63 -4.01 -19.87
N THR B 103 25.75 -4.66 -19.57
CA THR B 103 26.31 -5.65 -20.49
C THR B 103 25.45 -6.91 -20.53
N ALA B 104 24.97 -7.37 -19.37
CA ALA B 104 24.07 -8.52 -19.32
C ALA B 104 22.74 -8.20 -19.99
N MET B 105 22.29 -6.94 -19.86
CA MET B 105 21.13 -6.47 -20.62
C MET B 105 21.38 -6.57 -22.12
N PHE B 106 22.61 -6.26 -22.55
CA PHE B 106 22.94 -6.38 -23.96
C PHE B 106 22.98 -7.84 -24.42
N PHE B 107 23.46 -8.73 -23.55
CA PHE B 107 23.42 -10.17 -23.84
C PHE B 107 22.00 -10.68 -24.02
N VAL B 108 21.13 -10.38 -23.05
CA VAL B 108 19.77 -10.89 -23.11
C VAL B 108 18.96 -10.16 -24.20
N ALA B 109 19.31 -8.92 -24.54
CA ALA B 109 18.67 -8.26 -25.67
C ALA B 109 19.12 -8.86 -27.00
N LEU B 110 20.38 -9.31 -27.07
CA LEU B 110 20.81 -10.08 -28.23
C LEU B 110 20.07 -11.40 -28.30
N ALA B 111 19.75 -11.98 -27.13
CA ALA B 111 18.95 -13.21 -27.11
C ALA B 111 17.53 -12.96 -27.60
N MET B 112 16.91 -11.85 -27.19
CA MET B 112 15.63 -11.37 -27.70
C MET B 112 15.60 -11.27 -29.22
N PHE B 113 16.51 -10.45 -29.76
CA PHE B 113 16.59 -10.26 -31.20
C PHE B 113 16.99 -11.55 -31.91
N LEU B 114 17.69 -12.44 -31.23
CA LEU B 114 18.01 -13.74 -31.79
C LEU B 114 16.75 -14.58 -31.96
N ILE B 115 15.87 -14.59 -30.96
CA ILE B 115 14.70 -15.46 -31.07
C ILE B 115 13.70 -14.85 -32.05
N ILE B 116 13.71 -13.52 -32.18
CA ILE B 116 12.98 -12.89 -33.27
C ILE B 116 13.56 -13.31 -34.63
N GLY B 117 14.90 -13.39 -34.71
CA GLY B 117 15.53 -13.94 -35.91
C GLY B 117 15.28 -15.43 -36.08
N SER B 118 14.94 -16.13 -35.01
CA SER B 118 14.57 -17.53 -35.14
C SER B 118 13.15 -17.67 -35.69
N ILE B 119 12.28 -16.72 -35.37
CA ILE B 119 11.01 -16.61 -36.06
C ILE B 119 11.24 -16.32 -37.54
N ILE B 120 12.27 -15.52 -37.84
CA ILE B 120 12.63 -15.27 -39.23
C ILE B 120 13.22 -16.52 -39.91
N CYS B 121 13.96 -17.36 -39.18
CA CYS B 121 14.46 -18.58 -39.81
C CYS B 121 13.33 -19.59 -39.98
N PHE B 122 12.28 -19.48 -39.16
CA PHE B 122 11.04 -20.19 -39.47
C PHE B 122 10.37 -19.61 -40.71
N SER B 123 10.49 -18.30 -40.91
CA SER B 123 9.91 -17.69 -42.11
C SER B 123 10.68 -18.08 -43.37
N LEU B 124 11.96 -18.41 -43.24
CA LEU B 124 12.78 -18.85 -44.36
C LEU B 124 12.90 -20.37 -44.42
N PHE B 125 11.82 -21.08 -44.08
CA PHE B 125 11.83 -22.54 -44.04
C PHE B 125 11.50 -23.17 -45.39
N PHE B 126 10.74 -22.47 -46.23
CA PHE B 126 10.20 -23.06 -47.45
C PHE B 126 11.07 -22.86 -48.68
N VAL B 127 12.14 -22.09 -48.57
CA VAL B 127 12.98 -21.81 -49.74
C VAL B 127 14.11 -22.82 -49.84
N CYS B 128 14.92 -22.93 -48.80
CA CYS B 128 16.13 -23.74 -48.84
C CYS B 128 15.86 -25.13 -48.28
N ASN B 129 16.93 -25.90 -48.11
CA ASN B 129 16.85 -27.25 -47.59
C ASN B 129 16.48 -27.24 -46.11
N THR B 130 15.87 -28.35 -45.67
CA THR B 130 15.59 -28.54 -44.26
C THR B 130 16.89 -28.66 -43.47
N ALA B 131 17.84 -29.43 -43.99
CA ALA B 131 19.12 -29.60 -43.32
C ALA B 131 19.93 -28.30 -43.29
N THR B 132 19.66 -27.39 -44.22
CA THR B 132 20.24 -26.06 -44.15
C THR B 132 19.63 -25.25 -43.00
N VAL B 133 18.31 -25.13 -43.00
CA VAL B 133 17.63 -24.21 -42.09
C VAL B 133 17.67 -24.74 -40.67
N TYR B 134 17.75 -26.06 -40.51
CA TYR B 134 17.88 -26.63 -39.16
C TYR B 134 19.23 -26.30 -38.56
N LYS B 135 20.29 -26.30 -39.39
CA LYS B 135 21.60 -25.90 -38.89
C LYS B 135 21.67 -24.40 -38.61
N ILE B 136 20.94 -23.61 -39.41
CA ILE B 136 20.85 -22.16 -39.17
C ILE B 136 20.24 -21.89 -37.79
N CYS B 137 19.04 -22.44 -37.57
CA CYS B 137 18.37 -22.23 -36.29
C CYS B 137 19.08 -22.95 -35.15
N ALA B 138 19.88 -23.98 -35.46
CA ALA B 138 20.71 -24.63 -34.45
C ALA B 138 21.80 -23.68 -33.96
N TRP B 139 22.50 -23.02 -34.90
CA TRP B 139 23.48 -22.00 -34.54
C TRP B 139 22.84 -20.88 -33.72
N MET B 140 21.61 -20.50 -34.12
CA MET B 140 20.83 -19.52 -33.37
C MET B 140 20.67 -19.94 -31.91
N GLN B 141 20.04 -21.10 -31.68
CA GLN B 141 19.74 -21.52 -30.31
C GLN B 141 21.00 -21.82 -29.49
N LEU B 142 22.09 -22.23 -30.15
CA LEU B 142 23.40 -22.26 -29.49
C LEU B 142 23.78 -20.92 -28.92
N ALA B 143 23.73 -19.87 -29.76
CA ALA B 143 24.13 -18.54 -29.31
C ALA B 143 23.16 -17.99 -28.27
N ALA B 144 21.88 -18.36 -28.37
CA ALA B 144 20.88 -17.94 -27.40
C ALA B 144 21.17 -18.51 -26.02
N ALA B 145 21.40 -19.82 -25.95
CA ALA B 145 21.70 -20.47 -24.68
C ALA B 145 22.99 -19.95 -24.09
N THR B 146 23.99 -19.69 -24.94
CA THR B 146 25.27 -19.18 -24.46
C THR B 146 25.11 -17.78 -23.86
N GLY B 147 24.42 -16.88 -24.57
CA GLY B 147 24.25 -15.53 -24.08
C GLY B 147 23.40 -15.42 -22.83
N LEU B 148 22.38 -16.28 -22.74
CA LEU B 148 21.57 -16.28 -21.52
C LEU B 148 22.34 -16.84 -20.34
N MET B 149 23.17 -17.87 -20.58
CA MET B 149 24.07 -18.38 -19.55
C MET B 149 25.01 -17.30 -19.04
N ILE B 150 25.55 -16.50 -19.96
CA ILE B 150 26.50 -15.46 -19.57
C ILE B 150 25.80 -14.36 -18.76
N GLY B 151 24.61 -13.92 -19.20
CA GLY B 151 23.90 -12.89 -18.46
C GLY B 151 23.46 -13.34 -17.07
N CYS B 152 23.02 -14.60 -16.97
CA CYS B 152 22.66 -15.15 -15.68
C CYS B 152 23.86 -15.29 -14.76
N LEU B 153 25.04 -15.56 -15.32
CA LEU B 153 26.24 -15.56 -14.49
C LEU B 153 26.66 -14.14 -14.11
N VAL B 154 26.35 -13.15 -14.95
CA VAL B 154 26.81 -11.78 -14.69
C VAL B 154 26.02 -11.13 -13.56
N TYR B 155 24.69 -11.35 -13.50
CA TYR B 155 23.84 -10.72 -12.49
C TYR B 155 24.27 -10.81 -11.03
N PRO B 156 24.74 -11.95 -10.48
CA PRO B 156 25.19 -11.91 -9.07
C PRO B 156 26.49 -11.16 -8.86
N ASP B 157 27.31 -10.99 -9.91
CA ASP B 157 28.49 -10.15 -9.78
C ASP B 157 28.09 -8.68 -9.67
N GLY B 158 27.01 -8.29 -10.35
CA GLY B 158 26.43 -6.98 -10.12
C GLY B 158 25.67 -6.86 -8.82
N TRP B 159 25.31 -8.00 -8.22
CA TRP B 159 24.67 -8.09 -6.89
C TRP B 159 23.35 -7.34 -6.80
N GLY B 178 23.52 -7.33 3.25
CA GLY B 178 22.86 -7.34 1.94
C GLY B 178 21.96 -8.55 1.72
N HIS B 179 20.79 -8.52 2.34
CA HIS B 179 19.79 -9.57 2.18
C HIS B 179 19.14 -9.46 0.80
N CYS B 180 18.55 -10.56 0.36
CA CYS B 180 17.87 -10.61 -0.92
C CYS B 180 16.68 -11.55 -0.83
N THR B 181 15.67 -11.30 -1.66
CA THR B 181 14.69 -12.32 -2.02
C THR B 181 14.63 -12.35 -3.54
N ILE B 182 15.17 -13.41 -4.13
CA ILE B 182 15.22 -13.50 -5.59
C ILE B 182 13.81 -13.71 -6.15
N ARG B 183 13.49 -12.96 -7.20
CA ARG B 183 12.18 -13.05 -7.81
C ARG B 183 12.20 -14.08 -8.93
N TRP B 184 11.06 -14.19 -9.61
CA TRP B 184 10.83 -15.23 -10.59
C TRP B 184 11.52 -15.00 -11.92
N ALA B 185 12.14 -13.83 -12.11
CA ALA B 185 12.83 -13.53 -13.36
C ALA B 185 14.02 -14.44 -13.58
N PHE B 186 14.90 -14.52 -12.58
CA PHE B 186 16.10 -15.33 -12.71
C PHE B 186 15.77 -16.82 -12.77
N MET B 187 14.69 -17.25 -12.12
CA MET B 187 14.36 -18.67 -12.18
C MET B 187 13.71 -19.01 -13.52
N LEU B 188 12.94 -18.07 -14.08
CA LEU B 188 12.43 -18.24 -15.44
C LEU B 188 13.59 -18.28 -16.43
N ALA B 189 14.61 -17.46 -16.19
CA ALA B 189 15.78 -17.44 -17.06
C ALA B 189 16.59 -18.72 -16.94
N ILE B 190 16.73 -19.24 -15.72
CA ILE B 190 17.54 -20.44 -15.52
C ILE B 190 16.81 -21.68 -16.01
N LEU B 191 15.48 -21.62 -16.12
CA LEU B 191 14.80 -22.71 -16.83
C LEU B 191 14.90 -22.51 -18.34
N SER B 192 14.94 -21.25 -18.79
CA SER B 192 15.13 -20.97 -20.20
C SER B 192 16.51 -21.41 -20.70
N ILE B 193 17.49 -21.46 -19.79
CA ILE B 193 18.83 -22.01 -20.06
C ILE B 193 18.73 -23.43 -20.60
N GLY B 194 18.18 -24.33 -19.77
CA GLY B 194 18.02 -25.70 -20.18
C GLY B 194 17.04 -25.86 -21.33
N ASP B 195 16.08 -24.93 -21.43
CA ASP B 195 15.16 -24.95 -22.56
C ASP B 195 15.86 -24.75 -23.89
N ALA B 196 16.59 -23.63 -24.02
CA ALA B 196 17.33 -23.36 -25.24
C ALA B 196 18.44 -24.38 -25.48
N LEU B 197 18.97 -24.97 -24.40
CA LEU B 197 19.91 -26.08 -24.53
C LEU B 197 19.27 -27.28 -25.21
N ILE B 198 18.06 -27.66 -24.79
CA ILE B 198 17.38 -28.80 -25.39
C ILE B 198 16.94 -28.49 -26.82
N LEU B 199 16.51 -27.25 -27.06
CA LEU B 199 16.16 -26.81 -28.41
C LEU B 199 17.36 -26.87 -29.35
N SER B 200 18.52 -26.44 -28.86
CA SER B 200 19.71 -26.50 -29.70
C SER B 200 20.20 -27.92 -29.91
N PHE B 201 20.05 -28.79 -28.89
CA PHE B 201 20.45 -30.18 -29.03
C PHE B 201 19.62 -30.90 -30.07
N LEU B 202 18.30 -30.77 -29.98
CA LEU B 202 17.45 -31.43 -30.98
C LEU B 202 17.51 -30.71 -32.33
N ALA B 203 17.92 -29.45 -32.36
CA ALA B 203 18.16 -28.79 -33.64
C ALA B 203 19.41 -29.35 -34.32
N PHE B 204 20.44 -29.65 -33.54
CA PHE B 204 21.60 -30.36 -34.10
C PHE B 204 21.23 -31.78 -34.50
N VAL B 205 20.28 -32.39 -33.80
CA VAL B 205 19.75 -33.68 -34.20
C VAL B 205 19.08 -33.58 -35.56
N LEU B 206 18.33 -32.51 -35.78
CA LEU B 206 17.73 -32.30 -37.10
C LEU B 206 18.56 -31.33 -37.94
N HIS C 6 -24.05 30.83 40.64
CA HIS C 6 -24.54 31.52 39.45
C HIS C 6 -23.99 30.88 38.18
N PRO C 7 -24.81 30.86 37.12
CA PRO C 7 -24.37 30.23 35.88
C PRO C 7 -23.33 31.07 35.17
N PRO C 8 -22.51 30.47 34.30
CA PRO C 8 -21.56 31.26 33.52
C PRO C 8 -22.21 31.97 32.34
N VAL C 9 -21.41 32.63 31.52
CA VAL C 9 -21.89 33.28 30.30
C VAL C 9 -21.04 32.75 29.14
N PHE C 10 -21.69 32.13 28.17
CA PHE C 10 -20.96 31.66 27.00
C PHE C 10 -20.59 32.83 26.09
N GLN C 11 -19.59 32.60 25.25
CA GLN C 11 -19.29 33.55 24.18
C GLN C 11 -20.25 33.35 23.02
N LYS C 12 -20.27 32.14 22.47
CA LYS C 12 -21.27 31.74 21.50
C LYS C 12 -22.16 30.69 22.15
N LYS C 13 -23.48 30.85 21.98
CA LYS C 13 -24.42 29.90 22.56
C LYS C 13 -24.37 28.54 21.87
N PHE C 14 -23.80 28.45 20.67
CA PHE C 14 -23.52 27.19 20.01
C PHE C 14 -22.07 27.20 19.54
N TYR C 15 -21.19 26.57 20.31
CA TYR C 15 -19.83 26.37 19.86
C TYR C 15 -19.81 25.33 18.73
N ILE C 16 -18.79 25.45 17.87
CA ILE C 16 -18.78 24.76 16.59
C ILE C 16 -17.43 24.08 16.38
N GLY C 17 -17.43 22.75 16.21
CA GLY C 17 -16.21 22.01 16.07
C GLY C 17 -16.16 21.21 14.78
N GLY C 18 -15.12 20.38 14.66
CA GLY C 18 -14.92 19.53 13.50
C GLY C 18 -13.56 18.85 13.55
N VAL C 19 -13.49 17.56 13.20
CA VAL C 19 -12.26 16.78 13.25
C VAL C 19 -12.05 16.08 11.92
N SER C 20 -11.02 15.25 11.85
CA SER C 20 -10.71 14.48 10.64
C SER C 20 -10.76 12.99 10.92
N GLU C 21 -10.62 12.21 9.85
CA GLU C 21 -10.70 10.76 9.94
C GLU C 21 -9.47 10.15 10.60
N ASP C 22 -8.29 10.34 10.01
CA ASP C 22 -7.12 9.72 10.61
C ASP C 22 -6.53 10.53 11.75
N ALA C 23 -7.28 11.45 12.34
CA ALA C 23 -6.86 12.14 13.56
C ALA C 23 -6.68 11.13 14.69
N ARG C 24 -5.76 11.43 15.59
CA ARG C 24 -5.40 10.49 16.62
C ARG C 24 -6.30 10.66 17.84
N MET C 25 -6.10 9.80 18.82
CA MET C 25 -6.86 9.85 20.06
C MET C 25 -6.52 11.10 20.85
N PHE C 26 -7.56 11.76 21.36
CA PHE C 26 -7.46 12.92 22.26
C PHE C 26 -6.77 14.10 21.58
N ALA C 27 -7.08 14.31 20.32
CA ALA C 27 -6.53 15.42 19.58
C ALA C 27 -7.26 16.71 19.95
N SER C 28 -6.60 17.84 19.69
CA SER C 28 -7.16 19.14 20.00
C SER C 28 -8.32 19.47 19.08
N VAL C 29 -9.54 19.42 19.60
CA VAL C 29 -10.69 19.83 18.81
C VAL C 29 -10.76 21.35 18.88
N LEU C 30 -11.01 21.88 20.07
CA LEU C 30 -11.03 23.31 20.35
C LEU C 30 -11.08 23.49 21.87
N ARG C 31 -10.97 24.74 22.29
CA ARG C 31 -11.09 25.15 23.67
C ARG C 31 -12.36 25.96 23.85
N VAL C 32 -13.11 25.68 24.90
CA VAL C 32 -14.35 26.39 25.18
C VAL C 32 -14.08 27.42 26.27
N LYS C 33 -14.99 28.38 26.39
CA LYS C 33 -14.87 29.38 27.45
C LYS C 33 -16.27 29.88 27.79
N ALA C 34 -16.83 29.37 28.87
CA ALA C 34 -18.06 29.90 29.45
C ALA C 34 -17.65 30.89 30.54
N THR C 35 -17.75 32.18 30.23
CA THR C 35 -17.15 33.21 31.06
C THR C 35 -17.97 33.49 32.30
N ASP C 36 -17.28 33.93 33.35
CA ASP C 36 -17.96 34.51 34.51
C ASP C 36 -18.54 35.85 34.09
N ARG C 37 -19.69 36.20 34.69
CA ARG C 37 -20.43 37.36 34.20
C ARG C 37 -19.78 38.67 34.65
N ASP C 38 -19.46 38.81 35.94
CA ASP C 38 -18.92 40.07 36.46
C ASP C 38 -17.58 39.91 37.17
N THR C 39 -17.47 38.94 38.09
CA THR C 39 -16.35 38.90 39.00
C THR C 39 -15.06 38.42 38.36
N GLY C 40 -15.14 37.69 37.26
CA GLY C 40 -13.95 37.16 36.61
C GLY C 40 -13.30 36.03 37.37
N ASN C 41 -14.06 35.43 38.30
CA ASN C 41 -13.57 34.29 39.08
C ASN C 41 -14.04 32.99 38.41
N TYR C 42 -13.64 32.83 37.15
CA TYR C 42 -14.01 31.67 36.37
C TYR C 42 -12.96 30.57 36.40
N SER C 43 -12.01 30.63 37.34
CA SER C 43 -11.12 29.50 37.59
C SER C 43 -11.78 28.42 38.43
N ALA C 44 -12.93 28.73 39.04
CA ALA C 44 -13.75 27.74 39.72
C ALA C 44 -14.80 27.12 38.80
N MET C 45 -14.56 27.14 37.50
CA MET C 45 -15.47 26.54 36.54
C MET C 45 -15.00 25.13 36.19
N ALA C 46 -15.95 24.19 36.16
CA ALA C 46 -15.67 22.79 35.84
C ALA C 46 -16.43 22.47 34.56
N TYR C 47 -15.73 22.51 33.44
CA TYR C 47 -16.34 22.19 32.16
C TYR C 47 -16.56 20.68 32.05
N ARG C 48 -17.83 20.27 31.95
CA ARG C 48 -18.19 18.87 31.86
C ARG C 48 -19.14 18.68 30.70
N LEU C 49 -19.60 17.45 30.50
CA LEU C 49 -20.35 17.08 29.32
C LEU C 49 -21.67 16.39 29.65
N ILE C 50 -22.57 16.44 28.68
CA ILE C 50 -23.75 15.58 28.60
C ILE C 50 -23.79 15.03 27.19
N ILE C 51 -23.65 13.71 27.05
CA ILE C 51 -23.35 13.08 25.79
C ILE C 51 -24.47 12.09 25.47
N PRO C 52 -25.09 12.17 24.30
CA PRO C 52 -26.02 11.12 23.86
C PRO C 52 -25.29 9.82 23.60
N PRO C 53 -25.95 8.68 23.77
CA PRO C 53 -25.26 7.39 23.65
C PRO C 53 -24.83 7.10 22.22
N ILE C 54 -23.71 6.40 22.11
CA ILE C 54 -23.11 6.04 20.83
C ILE C 54 -23.08 4.51 20.79
N LYS C 55 -23.03 3.95 19.58
CA LYS C 55 -22.94 2.50 19.38
C LYS C 55 -21.72 1.92 20.07
N GLU C 56 -21.86 0.68 20.54
CA GLU C 56 -20.86 -0.14 21.23
C GLU C 56 -20.34 0.49 22.53
N GLY C 57 -21.02 1.49 23.09
CA GLY C 57 -20.54 2.12 24.29
C GLY C 57 -19.40 3.10 24.09
N LYS C 58 -19.39 3.83 22.98
CA LYS C 58 -18.35 4.83 22.77
C LYS C 58 -18.60 6.05 23.65
N GLU C 59 -17.53 6.59 24.22
CA GLU C 59 -17.63 7.92 24.79
C GLU C 59 -17.30 8.98 23.75
N GLY C 60 -16.40 8.67 22.83
CA GLY C 60 -16.26 9.43 21.60
C GLY C 60 -15.61 10.79 21.73
N PHE C 61 -16.32 11.73 22.35
CA PHE C 61 -15.86 13.11 22.48
C PHE C 61 -15.76 13.45 23.95
N VAL C 62 -14.56 13.87 24.38
CA VAL C 62 -14.34 14.21 25.78
C VAL C 62 -13.87 15.63 25.90
N VAL C 63 -13.65 16.08 27.13
CA VAL C 63 -13.10 17.40 27.41
C VAL C 63 -12.38 17.30 28.73
N GLU C 64 -11.48 18.23 29.00
CA GLU C 64 -10.85 18.32 30.30
C GLU C 64 -11.77 19.11 31.23
N THR C 65 -11.30 19.40 32.44
CA THR C 65 -12.14 20.06 33.43
C THR C 65 -11.80 21.53 33.57
N TYR C 66 -10.54 21.85 33.83
CA TYR C 66 -10.14 23.22 34.11
C TYR C 66 -9.36 23.86 32.97
N THR C 67 -9.46 23.29 31.77
CA THR C 67 -8.92 23.93 30.57
C THR C 67 -9.96 24.16 29.49
N GLY C 68 -11.03 23.37 29.45
CA GLY C 68 -12.04 23.51 28.42
C GLY C 68 -11.65 22.97 27.06
N LEU C 69 -10.57 22.21 26.98
CA LEU C 69 -10.05 21.76 25.70
C LEU C 69 -10.73 20.45 25.32
N ILE C 70 -11.43 20.44 24.19
CA ILE C 70 -12.20 19.28 23.77
C ILE C 70 -11.27 18.29 23.10
N LYS C 71 -11.35 17.03 23.51
CA LYS C 71 -10.53 15.97 22.93
C LYS C 71 -11.42 14.82 22.49
N THR C 72 -10.79 13.79 21.94
CA THR C 72 -11.49 12.70 21.28
C THR C 72 -11.26 11.38 21.99
N ALA C 73 -12.23 10.48 21.89
CA ALA C 73 -12.17 9.21 22.58
C ALA C 73 -12.63 8.07 21.67
N MET C 74 -12.31 8.17 20.38
CA MET C 74 -12.76 7.17 19.42
C MET C 74 -11.89 7.23 18.18
N LEU C 75 -11.79 6.09 17.50
CA LEU C 75 -11.04 6.00 16.25
C LEU C 75 -12.01 6.01 15.07
N PHE C 76 -11.43 6.12 13.87
CA PHE C 76 -12.21 6.32 12.66
C PHE C 76 -11.70 5.48 11.49
N HIS C 77 -11.59 4.16 11.70
CA HIS C 77 -11.35 3.27 10.58
C HIS C 77 -12.52 3.34 9.59
N ASN C 78 -12.28 4.03 8.47
CA ASN C 78 -13.15 4.15 7.31
C ASN C 78 -14.47 4.88 7.57
N MET C 79 -14.64 5.47 8.75
CA MET C 79 -15.85 6.24 9.02
C MET C 79 -15.77 7.58 8.31
N ARG C 80 -16.93 8.11 7.96
CA ARG C 80 -16.98 9.34 7.17
C ARG C 80 -18.30 10.05 7.40
N ARG C 81 -18.21 11.35 7.69
CA ARG C 81 -19.36 12.25 7.89
C ARG C 81 -20.30 11.77 9.00
N SER C 82 -19.73 11.17 10.05
CA SER C 82 -20.50 10.75 11.21
C SER C 82 -20.62 11.94 12.16
N TYR C 83 -21.48 12.87 11.78
CA TYR C 83 -21.60 14.14 12.49
C TYR C 83 -22.34 13.95 13.81
N PHE C 84 -21.81 14.55 14.86
CA PHE C 84 -22.22 14.27 16.23
C PHE C 84 -22.59 15.58 16.91
N LYS C 85 -23.79 15.64 17.47
CA LYS C 85 -24.25 16.75 18.28
C LYS C 85 -24.40 16.28 19.73
N PHE C 86 -23.99 17.11 20.67
CA PHE C 86 -24.00 16.72 22.08
C PHE C 86 -24.13 17.99 22.91
N GLN C 87 -24.05 17.85 24.22
CA GLN C 87 -24.18 18.96 25.15
C GLN C 87 -22.90 19.11 25.96
N VAL C 88 -22.66 20.34 26.41
CA VAL C 88 -21.53 20.68 27.27
C VAL C 88 -22.02 21.60 28.37
N ILE C 89 -21.53 21.38 29.59
CA ILE C 89 -21.91 22.17 30.75
C ILE C 89 -20.65 22.76 31.37
N ALA C 90 -20.86 23.70 32.29
CA ALA C 90 -19.78 24.36 33.00
C ALA C 90 -20.29 24.75 34.37
N THR C 91 -19.77 24.11 35.42
CA THR C 91 -20.33 24.24 36.76
C THR C 91 -19.46 25.17 37.58
N ASP C 92 -20.08 26.15 38.22
CA ASP C 92 -19.40 27.11 39.06
C ASP C 92 -18.94 26.44 40.36
N ASP C 93 -18.07 27.15 41.09
CA ASP C 93 -17.64 26.81 42.45
C ASP C 93 -16.88 25.48 42.46
N TYR C 94 -15.92 25.35 41.53
CA TYR C 94 -15.09 24.16 41.33
C TYR C 94 -15.93 22.90 41.11
N GLY C 95 -17.05 23.06 40.41
CA GLY C 95 -17.97 21.97 40.22
C GLY C 95 -19.06 21.85 41.27
N LYS C 96 -19.51 22.99 41.82
CA LYS C 96 -20.61 22.96 42.79
C LYS C 96 -21.69 24.01 42.54
N GLY C 97 -21.43 25.07 41.79
CA GLY C 97 -22.39 26.14 41.60
C GLY C 97 -23.40 25.85 40.49
N LEU C 98 -23.93 26.92 39.92
CA LEU C 98 -24.90 26.79 38.85
C LEU C 98 -24.20 26.71 37.50
N SER C 99 -24.98 26.52 36.44
CA SER C 99 -24.41 26.14 35.16
C SER C 99 -25.23 26.73 34.02
N GLY C 100 -24.56 26.90 32.89
CA GLY C 100 -25.23 27.08 31.62
C GLY C 100 -24.76 25.99 30.67
N LYS C 101 -25.58 25.69 29.66
CA LYS C 101 -25.26 24.62 28.75
C LYS C 101 -25.27 25.12 27.30
N ALA C 102 -24.52 24.42 26.46
CA ALA C 102 -24.41 24.74 25.04
C ALA C 102 -24.16 23.45 24.28
N ASP C 103 -24.12 23.54 22.95
CA ASP C 103 -24.01 22.37 22.10
C ASP C 103 -22.86 22.56 21.12
N VAL C 104 -22.35 21.43 20.61
CA VAL C 104 -21.25 21.44 19.65
C VAL C 104 -21.55 20.40 18.57
N LEU C 105 -21.46 20.83 17.31
CA LEU C 105 -21.40 19.94 16.17
C LEU C 105 -19.95 19.69 15.78
N VAL C 106 -19.62 18.43 15.52
CA VAL C 106 -18.29 18.04 15.05
C VAL C 106 -18.44 17.08 13.87
N SER C 107 -17.76 17.40 12.77
CA SER C 107 -17.72 16.53 11.59
CA SER C 107 -17.72 16.53 11.59
C SER C 107 -16.36 15.85 11.50
N VAL C 108 -16.31 14.79 10.70
CA VAL C 108 -15.12 13.95 10.55
C VAL C 108 -14.71 13.91 9.08
N VAL C 109 -13.60 14.58 8.73
CA VAL C 109 -13.30 14.80 7.32
C VAL C 109 -12.17 13.88 6.86
N ASN C 110 -12.14 13.61 5.57
CA ASN C 110 -11.12 12.77 4.96
C ASN C 110 -9.98 13.60 4.39
N GLN C 111 -9.10 12.93 3.64
CA GLN C 111 -8.09 13.64 2.88
C GLN C 111 -8.71 14.46 1.76
N LEU C 112 -9.86 14.03 1.25
CA LEU C 112 -10.51 14.67 0.11
C LEU C 112 -11.33 15.90 0.51
N ASP C 113 -11.44 16.17 1.81
CA ASP C 113 -12.08 17.39 2.29
C ASP C 113 -11.03 18.37 2.75
N MET C 114 -9.91 18.39 2.03
CA MET C 114 -8.76 19.22 2.41
C MET C 114 -8.33 20.03 1.19
N GLN C 115 -8.05 21.32 1.41
CA GLN C 115 -7.36 22.16 0.43
C GLN C 115 -6.32 23.00 1.14
N VAL C 116 -5.13 23.04 0.56
CA VAL C 116 -3.97 23.66 1.20
C VAL C 116 -3.95 25.15 0.87
N ILE C 117 -3.85 25.98 1.88
CA ILE C 117 -3.53 27.39 1.71
C ILE C 117 -2.02 27.53 1.72
N VAL C 118 -1.48 28.17 0.70
CA VAL C 118 -0.05 28.41 0.60
C VAL C 118 0.19 29.91 0.63
N SER C 119 1.03 30.37 1.55
CA SER C 119 1.45 31.75 1.63
C SER C 119 2.97 31.78 1.66
N ASN C 120 3.51 32.99 1.69
CA ASN C 120 4.95 33.23 1.53
C ASN C 120 5.65 33.52 2.86
N VAL C 121 5.25 32.85 3.93
CA VAL C 121 5.75 33.11 5.27
C VAL C 121 6.24 31.81 5.91
N PRO C 122 7.13 31.88 6.91
CA PRO C 122 7.54 30.66 7.62
C PRO C 122 6.39 30.06 8.42
N PRO C 123 6.34 28.74 8.55
CA PRO C 123 5.16 28.09 9.14
C PRO C 123 5.05 28.26 10.65
N THR C 124 6.15 28.57 11.34
CA THR C 124 6.05 28.73 12.78
C THR C 124 5.39 30.06 13.14
N LEU C 125 5.58 31.08 12.31
CA LEU C 125 4.82 32.31 12.46
C LEU C 125 3.33 32.07 12.19
N VAL C 126 3.03 31.16 11.25
CA VAL C 126 1.66 30.80 10.93
C VAL C 126 1.00 30.14 12.13
N GLU C 127 1.68 29.15 12.71
CA GLU C 127 1.11 28.44 13.84
C GLU C 127 1.12 29.30 15.10
N LYS C 128 2.00 30.28 15.16
CA LYS C 128 1.98 31.28 16.22
C LYS C 128 0.71 32.11 16.14
N LYS C 129 0.44 32.71 14.99
CA LYS C 129 -0.65 33.65 14.86
C LYS C 129 -1.93 33.02 14.31
N ILE C 130 -2.04 31.68 14.35
CA ILE C 130 -3.17 30.93 13.81
C ILE C 130 -4.52 31.35 14.39
N GLU C 131 -4.51 31.86 15.63
CA GLU C 131 -5.73 32.42 16.24
C GLU C 131 -6.26 33.59 15.43
N ASP C 132 -5.41 34.59 15.21
CA ASP C 132 -5.83 35.76 14.44
C ASP C 132 -6.01 35.42 12.96
N LEU C 133 -5.28 34.43 12.45
CA LEU C 133 -5.46 34.01 11.07
C LEU C 133 -6.85 33.43 10.84
N THR C 134 -7.24 32.49 11.69
CA THR C 134 -8.59 31.92 11.63
C THR C 134 -9.63 32.99 11.95
N GLU C 135 -9.28 33.97 12.78
CA GLU C 135 -10.19 35.05 13.11
C GLU C 135 -10.49 35.93 11.90
N ILE C 136 -9.45 36.29 11.14
CA ILE C 136 -9.66 37.13 9.96
C ILE C 136 -10.36 36.35 8.85
N LEU C 137 -10.00 35.06 8.68
CA LEU C 137 -10.69 34.18 7.76
C LEU C 137 -12.17 34.09 8.07
N ASP C 138 -12.53 33.61 9.27
CA ASP C 138 -13.93 33.54 9.67
C ASP C 138 -14.58 34.90 9.94
N ARG C 139 -13.84 36.00 9.84
CA ARG C 139 -14.49 37.29 9.74
C ARG C 139 -14.96 37.56 8.32
N TYR C 140 -14.11 37.32 7.34
CA TYR C 140 -14.43 37.69 5.96
C TYR C 140 -14.96 36.51 5.14
N VAL C 141 -15.21 35.37 5.76
CA VAL C 141 -15.84 34.24 5.07
C VAL C 141 -17.29 34.06 5.50
N GLN C 142 -17.65 34.36 6.75
CA GLN C 142 -19.02 34.21 7.24
C GLN C 142 -20.02 35.16 6.60
N GLU C 143 -19.58 36.06 5.70
CA GLU C 143 -20.53 36.77 4.86
C GLU C 143 -21.07 35.87 3.75
N GLN C 144 -20.44 34.72 3.49
CA GLN C 144 -21.11 33.68 2.72
C GLN C 144 -22.27 33.10 3.51
N ILE C 145 -21.97 32.47 4.64
CA ILE C 145 -22.96 31.89 5.55
C ILE C 145 -22.53 32.18 6.98
N PRO C 146 -23.34 32.85 7.80
CA PRO C 146 -23.09 32.86 9.24
C PRO C 146 -23.25 31.46 9.82
N GLY C 147 -22.15 30.87 10.27
CA GLY C 147 -22.16 29.48 10.67
C GLY C 147 -21.03 28.70 10.04
N ALA C 148 -20.06 29.43 9.49
CA ALA C 148 -18.86 28.84 8.93
C ALA C 148 -17.69 29.09 9.87
N LYS C 149 -16.86 28.06 10.06
CA LYS C 149 -15.74 28.15 11.00
C LYS C 149 -14.58 27.37 10.41
N VAL C 150 -13.53 28.09 10.02
CA VAL C 150 -12.33 27.47 9.46
C VAL C 150 -11.67 26.56 10.48
N VAL C 151 -11.53 25.29 10.12
CA VAL C 151 -10.95 24.28 10.99
C VAL C 151 -9.60 23.89 10.41
N VAL C 152 -8.53 24.28 11.10
CA VAL C 152 -7.18 24.03 10.62
C VAL C 152 -6.80 22.59 10.94
N GLU C 153 -6.36 21.84 9.93
CA GLU C 153 -5.98 20.46 10.13
C GLU C 153 -4.50 20.29 10.47
N SER C 154 -3.63 20.74 9.57
CA SER C 154 -2.20 20.54 9.77
C SER C 154 -1.45 21.63 9.03
N ILE C 155 -0.37 22.11 9.65
CA ILE C 155 0.39 23.24 9.12
C ILE C 155 1.82 22.78 8.86
N GLY C 156 2.11 22.41 7.62
CA GLY C 156 3.43 21.93 7.24
C GLY C 156 4.14 22.87 6.29
N ALA C 157 5.36 22.49 5.95
CA ALA C 157 6.10 23.22 4.94
C ALA C 157 5.63 22.78 3.55
N ARG C 158 5.93 23.62 2.56
CA ARG C 158 5.26 23.56 1.25
C ARG C 158 5.67 22.32 0.48
N ARG C 159 4.70 21.42 0.26
CA ARG C 159 4.95 20.20 -0.49
C ARG C 159 5.07 20.49 -1.99
N HIS C 160 6.23 20.17 -2.55
CA HIS C 160 6.47 20.30 -3.98
C HIS C 160 7.59 19.33 -4.34
N GLY C 161 8.08 19.43 -5.58
CA GLY C 161 9.21 18.64 -6.00
C GLY C 161 8.88 17.27 -6.55
N ASP C 162 9.77 16.31 -6.33
CA ASP C 162 9.66 14.97 -6.89
C ASP C 162 8.51 14.24 -6.23
N ALA C 163 7.38 14.14 -6.96
CA ALA C 163 6.11 13.59 -6.48
C ALA C 163 5.65 14.27 -5.19
N TYR C 164 5.81 15.61 -5.14
CA TYR C 164 5.46 16.47 -4.01
C TYR C 164 6.13 16.01 -2.71
N SER C 165 7.46 15.91 -2.77
CA SER C 165 8.22 15.45 -1.62
C SER C 165 9.38 16.40 -1.33
N LEU C 166 9.11 17.71 -1.34
CA LEU C 166 10.06 18.69 -0.84
C LEU C 166 9.34 19.63 0.11
N GLU C 167 10.13 20.48 0.78
CA GLU C 167 9.63 21.41 1.78
C GLU C 167 10.22 22.79 1.55
N ASP C 168 9.37 23.79 1.42
CA ASP C 168 9.80 25.17 1.38
C ASP C 168 9.52 25.79 2.75
N TYR C 169 10.55 26.37 3.34
CA TYR C 169 10.47 26.92 4.68
C TYR C 169 10.18 28.41 4.67
N SER C 170 10.53 29.08 3.57
CA SER C 170 10.07 30.44 3.35
C SER C 170 8.57 30.49 3.13
N LYS C 171 7.97 29.40 2.69
CA LYS C 171 6.55 29.31 2.41
C LYS C 171 5.93 28.28 3.36
N CYS C 172 4.66 27.97 3.14
CA CYS C 172 3.93 27.21 4.15
C CYS C 172 2.75 26.46 3.52
N ASP C 173 2.35 25.38 4.18
CA ASP C 173 1.10 24.70 3.89
C ASP C 173 0.11 24.88 5.04
N LEU C 174 -1.15 25.07 4.70
CA LEU C 174 -2.18 25.37 5.67
C LEU C 174 -3.44 24.61 5.27
N THR C 175 -3.79 23.57 6.03
CA THR C 175 -4.89 22.70 5.65
C THR C 175 -6.13 23.03 6.45
N VAL C 176 -7.14 23.59 5.78
CA VAL C 176 -8.29 24.19 6.42
C VAL C 176 -9.56 23.54 5.88
N TYR C 177 -10.68 23.83 6.56
CA TYR C 177 -12.04 23.67 6.08
C TYR C 177 -13.02 24.41 6.98
N ALA C 178 -14.08 24.96 6.39
CA ALA C 178 -15.10 25.71 7.09
C ALA C 178 -16.22 24.76 7.55
N ILE C 179 -17.35 25.32 7.97
CA ILE C 179 -18.43 24.54 8.57
C ILE C 179 -19.70 24.70 7.76
N ASP C 180 -20.39 23.56 7.55
CA ASP C 180 -21.78 23.41 7.15
C ASP C 180 -22.68 23.52 8.38
N PRO C 181 -23.35 24.66 8.60
CA PRO C 181 -24.25 24.76 9.75
C PRO C 181 -25.67 24.30 9.47
N GLN C 182 -25.99 23.90 8.24
CA GLN C 182 -27.38 23.62 7.89
C GLN C 182 -27.63 22.14 7.60
N THR C 183 -26.91 21.55 6.65
CA THR C 183 -27.03 20.11 6.45
C THR C 183 -26.04 19.33 7.31
N ASN C 184 -25.12 20.04 7.96
CA ASN C 184 -24.40 19.57 9.14
C ASN C 184 -23.52 18.36 8.83
N ARG C 185 -22.60 18.53 7.90
CA ARG C 185 -21.72 17.44 7.49
C ARG C 185 -20.43 18.03 6.93
N ALA C 186 -19.57 17.14 6.44
CA ALA C 186 -18.28 17.56 5.89
C ALA C 186 -18.47 18.26 4.55
N ILE C 187 -17.43 18.98 4.13
CA ILE C 187 -17.50 19.86 2.98
C ILE C 187 -16.46 19.43 1.96
N ASP C 188 -16.90 19.25 0.72
CA ASP C 188 -16.03 18.85 -0.37
C ASP C 188 -15.04 19.98 -0.70
N ARG C 189 -13.95 19.60 -1.35
CA ARG C 189 -12.79 20.48 -1.47
C ARG C 189 -12.97 21.61 -2.47
N ASN C 190 -13.90 21.50 -3.42
CA ASN C 190 -13.97 22.52 -4.46
C ASN C 190 -14.71 23.76 -4.00
N GLU C 191 -15.73 23.60 -3.16
CA GLU C 191 -16.34 24.78 -2.54
C GLU C 191 -15.41 25.39 -1.50
N LEU C 192 -14.59 24.55 -0.88
CA LEU C 192 -13.49 25.01 -0.04
C LEU C 192 -12.50 25.85 -0.83
N PHE C 193 -12.27 25.51 -2.10
CA PHE C 193 -11.49 26.39 -2.97
C PHE C 193 -12.23 27.69 -3.24
N LYS C 194 -13.47 27.59 -3.73
CA LYS C 194 -14.11 28.72 -4.38
C LYS C 194 -14.65 29.76 -3.40
N PHE C 195 -15.01 29.35 -2.17
CA PHE C 195 -15.45 30.31 -1.18
C PHE C 195 -14.32 31.19 -0.67
N LEU C 196 -13.08 30.70 -0.74
CA LEU C 196 -11.91 31.43 -0.28
C LEU C 196 -11.28 32.25 -1.40
N ASP C 197 -11.18 31.67 -2.59
CA ASP C 197 -10.40 32.24 -3.68
C ASP C 197 -11.04 33.49 -4.26
N GLY C 198 -12.34 33.71 -4.05
CA GLY C 198 -13.01 34.84 -4.64
C GLY C 198 -12.76 36.17 -3.94
N LYS C 199 -12.27 36.13 -2.70
CA LYS C 199 -11.99 37.35 -1.95
C LYS C 199 -10.56 37.30 -1.43
N LEU C 200 -9.61 37.02 -2.32
CA LEU C 200 -8.25 36.76 -1.91
C LEU C 200 -7.49 38.05 -1.58
N LEU C 201 -7.67 39.08 -2.41
CA LEU C 201 -6.93 40.34 -2.24
C LEU C 201 -7.39 41.14 -1.03
N ASP C 202 -8.67 41.02 -0.67
CA ASP C 202 -9.22 41.70 0.50
C ASP C 202 -8.56 41.25 1.80
N ILE C 203 -8.12 39.99 1.84
CA ILE C 203 -7.43 39.46 3.00
C ILE C 203 -5.91 39.53 2.83
N ASN C 204 -5.42 39.57 1.59
CA ASN C 204 -4.05 40.00 1.32
C ASN C 204 -3.77 41.41 1.84
N LYS C 205 -4.79 42.27 1.88
CA LYS C 205 -4.69 43.55 2.56
C LYS C 205 -4.38 43.37 4.05
N ASP C 206 -4.97 42.36 4.68
CA ASP C 206 -5.16 42.37 6.12
C ASP C 206 -4.02 41.75 6.91
N PHE C 207 -3.21 40.89 6.29
CA PHE C 207 -2.17 40.17 7.00
C PHE C 207 -0.87 40.94 7.14
N GLN C 208 -0.87 42.23 6.83
CA GLN C 208 0.32 43.06 6.98
C GLN C 208 0.76 43.28 8.44
N PRO C 209 -0.13 43.40 9.43
CA PRO C 209 0.36 43.30 10.82
C PRO C 209 0.65 41.87 11.27
N TYR C 210 0.41 40.87 10.41
CA TYR C 210 0.50 39.48 10.83
C TYR C 210 1.59 38.73 10.08
N TYR C 211 1.59 38.80 8.74
CA TYR C 211 2.74 38.28 8.00
C TYR C 211 3.95 39.17 8.19
N GLY C 212 3.75 40.47 8.29
CA GLY C 212 4.83 41.43 8.25
C GLY C 212 4.83 42.22 6.97
N GLU C 213 5.97 42.34 6.32
CA GLU C 213 6.06 43.03 5.05
C GLU C 213 6.69 42.12 4.01
N GLY C 214 6.33 42.35 2.75
CA GLY C 214 6.66 41.41 1.70
C GLY C 214 5.96 40.08 1.85
N GLY C 215 4.73 40.09 2.35
CA GLY C 215 4.02 38.86 2.61
C GLY C 215 2.56 38.94 2.21
N ARG C 216 2.08 37.83 1.64
CA ARG C 216 0.69 37.73 1.17
C ARG C 216 0.29 36.29 0.97
N ILE C 217 -0.99 36.05 0.69
CA ILE C 217 -1.45 34.70 0.37
C ILE C 217 -1.14 34.44 -1.10
N LEU C 218 -0.56 33.28 -1.39
CA LEU C 218 -0.09 32.98 -2.73
C LEU C 218 -1.14 32.26 -3.57
N GLU C 219 -1.58 31.10 -3.12
CA GLU C 219 -2.39 30.20 -3.94
C GLU C 219 -3.19 29.28 -3.05
N ILE C 220 -4.19 28.63 -3.63
CA ILE C 220 -5.05 27.66 -2.95
C ILE C 220 -4.95 26.38 -3.75
N ARG C 221 -4.07 25.47 -3.33
CA ARG C 221 -3.82 24.24 -4.08
C ARG C 221 -4.27 23.02 -3.28
N THR C 222 -4.34 21.87 -3.99
CA THR C 222 -4.78 20.49 -3.80
C THR C 222 -3.70 19.67 -3.07
N PRO C 223 -4.11 18.90 -2.05
CA PRO C 223 -3.15 18.04 -1.33
C PRO C 223 -2.55 16.92 -2.16
N GLU C 224 -1.65 16.14 -1.52
CA GLU C 224 -0.80 15.21 -2.23
C GLU C 224 -1.47 13.85 -2.48
N ALA C 225 -2.32 13.40 -1.54
CA ALA C 225 -2.89 12.06 -1.64
C ALA C 225 -3.98 11.98 -2.70
N VAL C 226 -4.45 13.13 -3.20
CA VAL C 226 -5.35 13.14 -4.34
C VAL C 226 -4.67 12.56 -5.57
N THR C 227 -3.38 12.84 -5.73
CA THR C 227 -2.60 12.31 -6.84
C THR C 227 -2.40 10.80 -6.72
N SER C 228 -2.33 10.29 -5.49
CA SER C 228 -2.07 8.86 -5.27
C SER C 228 -3.27 7.99 -5.62
N ILE C 229 -4.44 8.61 -5.84
CA ILE C 229 -5.66 7.88 -6.17
C ILE C 229 -5.51 7.22 -7.53
N LYS C 230 -4.84 7.89 -8.47
CA LYS C 230 -4.50 7.26 -9.73
C LYS C 230 -3.46 6.17 -9.53
N LYS C 231 -2.59 6.31 -8.52
CA LYS C 231 -1.46 5.41 -8.38
C LYS C 231 -1.89 4.06 -7.83
N ARG C 232 -2.88 4.03 -6.92
CA ARG C 232 -3.25 2.74 -6.34
C ARG C 232 -4.07 1.89 -7.32
N GLY C 233 -4.65 2.52 -8.33
CA GLY C 233 -5.43 1.78 -9.31
C GLY C 233 -4.51 1.04 -10.26
N GLU C 234 -4.53 -0.29 -10.23
CA GLU C 234 -3.63 -1.08 -11.05
C GLU C 234 -4.28 -1.40 -12.40
N SER C 235 -3.49 -2.01 -13.29
CA SER C 235 -3.90 -2.12 -14.68
C SER C 235 -3.53 -3.46 -15.31
N LEU C 236 -3.61 -3.53 -16.63
CA LEU C 236 -3.16 -4.70 -17.38
C LEU C 236 -1.63 -4.70 -17.44
N GLY C 237 -1.02 -5.77 -16.93
CA GLY C 237 0.42 -5.85 -16.92
C GLY C 237 0.98 -6.35 -18.23
N TYR C 238 1.96 -7.26 -18.14
CA TYR C 238 2.59 -7.78 -19.35
C TYR C 238 2.66 -9.29 -19.31
N THR C 239 2.70 -9.86 -18.11
CA THR C 239 2.57 -11.32 -17.97
C THR C 239 1.18 -11.76 -18.42
N GLU C 240 0.17 -10.99 -18.02
CA GLU C 240 -1.18 -11.12 -18.51
C GLU C 240 -1.21 -10.99 -20.03
N GLY C 241 -0.51 -9.97 -20.52
CA GLY C 241 -0.36 -9.79 -21.95
C GLY C 241 0.39 -10.91 -22.62
N ALA C 242 1.31 -11.55 -21.89
CA ALA C 242 2.01 -12.71 -22.43
C ALA C 242 1.06 -13.89 -22.61
N LEU C 243 0.17 -14.11 -21.65
CA LEU C 243 -0.79 -15.21 -21.76
C LEU C 243 -1.78 -14.94 -22.88
N LEU C 244 -2.23 -13.69 -22.99
CA LEU C 244 -3.10 -13.30 -24.10
C LEU C 244 -2.40 -13.46 -25.43
N ALA C 245 -1.10 -13.15 -25.47
CA ALA C 245 -0.31 -13.34 -26.68
C ALA C 245 -0.17 -14.81 -27.03
N LEU C 246 -0.09 -15.68 -26.01
CA LEU C 246 -0.08 -17.11 -26.26
C LEU C 246 -1.36 -17.56 -26.95
N ALA C 247 -2.50 -17.10 -26.44
CA ALA C 247 -3.79 -17.46 -27.04
C ALA C 247 -3.89 -16.95 -28.47
N PHE C 248 -3.42 -15.72 -28.70
CA PHE C 248 -3.49 -15.12 -30.02
C PHE C 248 -2.53 -15.80 -30.99
N ILE C 249 -1.36 -16.22 -30.50
CA ILE C 249 -0.43 -17.03 -31.27
C ILE C 249 -1.05 -18.35 -31.69
N ILE C 250 -1.75 -19.01 -30.78
CA ILE C 250 -2.19 -20.37 -31.11
C ILE C 250 -3.39 -20.34 -32.05
N ILE C 251 -4.25 -19.32 -31.93
CA ILE C 251 -5.31 -19.20 -32.95
C ILE C 251 -4.72 -18.77 -34.29
N LEU C 252 -3.64 -17.95 -34.25
CA LEU C 252 -2.94 -17.56 -35.46
C LEU C 252 -2.21 -18.73 -36.10
N CYS C 253 -1.87 -19.74 -35.31
CA CYS C 253 -1.30 -20.95 -35.88
C CYS C 253 -2.37 -21.88 -36.42
N CYS C 254 -3.52 -21.95 -35.76
CA CYS C 254 -4.50 -22.97 -36.12
C CYS C 254 -5.28 -22.59 -37.38
N ILE C 255 -5.43 -21.29 -37.67
CA ILE C 255 -6.17 -20.90 -38.88
C ILE C 255 -5.51 -21.36 -40.18
N PRO C 256 -4.18 -21.16 -40.42
CA PRO C 256 -3.61 -21.73 -41.64
C PRO C 256 -3.55 -23.24 -41.62
N ALA C 257 -3.53 -23.85 -40.44
CA ALA C 257 -3.64 -25.31 -40.35
C ALA C 257 -4.98 -25.79 -40.89
N ILE C 258 -6.06 -25.07 -40.54
CA ILE C 258 -7.39 -25.36 -41.08
C ILE C 258 -7.39 -25.23 -42.60
N LEU C 259 -6.79 -24.16 -43.12
CA LEU C 259 -6.81 -23.93 -44.56
C LEU C 259 -5.98 -24.97 -45.32
N VAL C 260 -4.82 -25.34 -44.77
CA VAL C 260 -3.97 -26.33 -45.42
C VAL C 260 -4.58 -27.72 -45.36
N VAL C 261 -5.28 -28.05 -44.27
CA VAL C 261 -5.92 -29.37 -44.24
C VAL C 261 -7.19 -29.39 -45.12
N LEU C 262 -7.82 -28.23 -45.32
CA LEU C 262 -8.87 -28.11 -46.34
C LEU C 262 -8.34 -28.43 -47.73
N VAL C 263 -7.21 -27.81 -48.09
CA VAL C 263 -6.56 -28.09 -49.38
C VAL C 263 -6.09 -29.53 -49.45
N SER C 264 -5.68 -30.07 -48.30
CA SER C 264 -5.20 -31.45 -48.21
C SER C 264 -6.28 -32.45 -48.54
N TYR C 265 -7.43 -32.36 -47.86
CA TYR C 265 -8.53 -33.27 -48.15
C TYR C 265 -9.15 -33.00 -49.52
N ARG C 266 -9.07 -31.75 -50.02
CA ARG C 266 -9.56 -31.46 -51.36
C ARG C 266 -8.72 -32.15 -52.42
N GLN C 267 -7.39 -32.07 -52.31
CA GLN C 267 -6.55 -32.76 -53.28
C GLN C 267 -6.55 -34.27 -53.05
N PHE C 268 -6.86 -34.71 -51.83
CA PHE C 268 -7.12 -36.13 -51.58
C PHE C 268 -8.35 -36.59 -52.35
N LYS C 269 -9.36 -35.73 -52.45
CA LYS C 269 -10.51 -36.05 -53.28
C LYS C 269 -10.15 -35.99 -54.77
N VAL C 270 -9.25 -35.08 -55.14
CA VAL C 270 -8.87 -34.92 -56.55
C VAL C 270 -8.10 -36.14 -57.03
N ARG C 271 -7.02 -36.49 -56.36
CA ARG C 271 -6.28 -37.69 -56.69
C ARG C 271 -6.61 -38.82 -55.72
N HIS D 22 -0.58 -39.89 -51.33
CA HIS D 22 -1.04 -38.76 -50.53
C HIS D 22 -0.14 -38.56 -49.32
N THR D 23 1.15 -38.61 -49.64
CA THR D 23 2.21 -38.73 -48.66
C THR D 23 2.34 -37.46 -47.82
N ASN D 24 2.36 -36.30 -48.47
CA ASN D 24 2.44 -35.03 -47.75
C ASN D 24 1.16 -34.74 -46.97
N TYR D 25 0.05 -35.33 -47.40
CA TYR D 25 -1.19 -35.10 -46.69
C TYR D 25 -1.26 -35.92 -45.42
N VAL D 26 -0.69 -37.12 -45.43
CA VAL D 26 -0.59 -37.85 -44.17
C VAL D 26 0.51 -37.25 -43.26
N ARG D 27 1.53 -36.61 -43.86
CA ARG D 27 2.47 -35.78 -43.09
C ARG D 27 1.70 -34.71 -42.32
N ASN D 28 0.81 -34.01 -43.02
CA ASN D 28 -0.03 -32.98 -42.40
C ASN D 28 -0.91 -33.57 -41.31
N SER D 29 -1.42 -34.79 -41.56
CA SER D 29 -2.31 -35.46 -40.60
C SER D 29 -1.62 -35.71 -39.26
N ARG D 30 -0.50 -36.42 -39.28
CA ARG D 30 0.17 -36.74 -38.02
C ARG D 30 0.81 -35.49 -37.40
N ALA D 31 1.20 -34.52 -38.24
CA ALA D 31 1.74 -33.25 -37.74
C ALA D 31 0.71 -32.49 -36.92
N VAL D 32 -0.47 -32.28 -37.49
CA VAL D 32 -1.51 -31.55 -36.77
C VAL D 32 -2.07 -32.39 -35.61
N GLY D 33 -1.95 -33.71 -35.64
CA GLY D 33 -2.27 -34.52 -34.47
C GLY D 33 -1.39 -34.24 -33.25
N VAL D 34 -0.08 -34.19 -33.48
CA VAL D 34 0.77 -33.86 -32.34
C VAL D 34 0.66 -32.36 -32.01
N MET D 35 0.21 -31.54 -32.98
CA MET D 35 -0.19 -30.17 -32.67
C MET D 35 -1.37 -30.12 -31.72
N TRP D 36 -2.32 -31.05 -31.87
CA TRP D 36 -3.42 -31.14 -30.91
C TRP D 36 -2.89 -31.39 -29.53
N GLY D 37 -1.94 -32.34 -29.43
CA GLY D 37 -1.31 -32.60 -28.14
C GLY D 37 -0.67 -31.38 -27.50
N THR D 38 0.15 -30.67 -28.28
CA THR D 38 0.90 -29.53 -27.73
C THR D 38 -0.01 -28.35 -27.40
N LEU D 39 -0.86 -27.96 -28.33
CA LEU D 39 -1.68 -26.78 -28.09
C LEU D 39 -2.77 -27.07 -27.06
N THR D 40 -3.18 -28.33 -26.93
CA THR D 40 -4.14 -28.72 -25.91
C THR D 40 -3.52 -28.61 -24.52
N ILE D 41 -2.27 -29.07 -24.35
CA ILE D 41 -1.71 -28.96 -23.01
C ILE D 41 -1.31 -27.51 -22.70
N CYS D 42 -1.03 -26.72 -23.74
CA CYS D 42 -0.84 -25.28 -23.55
C CYS D 42 -2.12 -24.62 -23.03
N PHE D 43 -3.27 -24.97 -23.59
CA PHE D 43 -4.46 -24.35 -23.04
C PHE D 43 -4.95 -25.01 -21.76
N SER D 44 -4.45 -26.20 -21.45
CA SER D 44 -4.68 -26.76 -20.12
C SER D 44 -4.06 -25.88 -19.06
N VAL D 45 -2.79 -25.51 -19.26
CA VAL D 45 -2.19 -24.64 -18.24
C VAL D 45 -2.70 -23.21 -18.38
N LEU D 46 -3.20 -22.81 -19.54
CA LEU D 46 -3.86 -21.51 -19.65
C LEU D 46 -5.12 -21.44 -18.81
N VAL D 47 -5.97 -22.47 -18.87
CA VAL D 47 -7.21 -22.46 -18.09
C VAL D 47 -6.90 -22.66 -16.61
N MET D 48 -5.86 -23.43 -16.29
CA MET D 48 -5.47 -23.56 -14.89
C MET D 48 -4.93 -22.24 -14.35
N ALA D 49 -4.27 -21.45 -15.20
CA ALA D 49 -3.87 -20.10 -14.82
C ALA D 49 -5.08 -19.19 -14.67
N LEU D 50 -6.12 -19.42 -15.49
CA LEU D 50 -7.35 -18.66 -15.36
C LEU D 50 -8.07 -18.99 -14.05
N PHE D 51 -7.85 -20.18 -13.52
CA PHE D 51 -8.38 -20.50 -12.21
C PHE D 51 -7.57 -19.88 -11.08
N ILE D 52 -6.25 -20.07 -11.09
CA ILE D 52 -5.51 -19.80 -9.86
C ILE D 52 -4.90 -18.38 -9.88
N GLN D 53 -5.49 -17.48 -10.67
CA GLN D 53 -5.17 -16.06 -10.66
C GLN D 53 -5.65 -15.37 -9.39
N PRO D 54 -5.25 -14.12 -9.12
CA PRO D 54 -5.96 -13.34 -8.09
C PRO D 54 -6.97 -12.33 -8.63
N TYR D 55 -6.98 -12.06 -9.93
CA TYR D 55 -7.73 -10.94 -10.49
C TYR D 55 -8.83 -11.46 -11.41
N TRP D 56 -10.08 -11.21 -11.01
CA TRP D 56 -11.19 -11.48 -11.92
C TRP D 56 -11.81 -10.20 -12.49
N ILE D 57 -12.35 -9.36 -11.62
CA ILE D 57 -12.94 -8.06 -11.99
C ILE D 57 -12.66 -7.10 -10.84
N GLY D 58 -12.15 -5.92 -11.17
CA GLY D 58 -11.90 -4.93 -10.12
C GLY D 58 -12.69 -3.65 -10.29
N ASP D 59 -12.22 -2.58 -9.66
CA ASP D 59 -12.81 -1.25 -9.77
C ASP D 59 -11.83 -0.22 -9.22
N SER D 60 -11.76 0.93 -9.91
CA SER D 60 -11.10 2.12 -9.39
C SER D 60 -12.05 3.29 -9.60
N VAL D 61 -12.50 3.90 -8.52
CA VAL D 61 -13.45 5.01 -8.60
C VAL D 61 -12.74 6.27 -9.07
N GLN D 65 -15.93 2.87 -2.38
CA GLN D 65 -15.15 1.67 -2.12
C GLN D 65 -14.02 1.55 -3.14
N ALA D 66 -13.10 0.61 -2.87
CA ALA D 66 -12.00 0.35 -3.80
C ALA D 66 -11.55 -1.08 -3.57
N GLY D 67 -11.87 -1.96 -4.52
CA GLY D 67 -11.64 -3.38 -4.32
C GLY D 67 -11.24 -4.08 -5.60
N TYR D 68 -10.56 -5.21 -5.43
CA TYR D 68 -10.00 -6.03 -6.51
C TYR D 68 -10.53 -7.45 -6.40
N PHE D 69 -11.86 -7.57 -6.28
CA PHE D 69 -12.54 -8.83 -5.97
C PHE D 69 -12.35 -9.91 -7.03
N GLY D 70 -12.63 -11.15 -6.66
CA GLY D 70 -12.32 -12.22 -7.57
C GLY D 70 -13.26 -13.40 -7.62
N LEU D 71 -14.47 -13.26 -7.10
CA LEU D 71 -15.59 -14.19 -7.31
C LEU D 71 -15.40 -15.58 -6.70
N PHE D 72 -14.20 -15.89 -6.19
CA PHE D 72 -13.93 -17.05 -5.36
C PHE D 72 -13.54 -16.60 -3.96
N SER D 73 -12.70 -15.59 -3.91
CA SER D 73 -12.46 -14.73 -2.76
C SER D 73 -12.68 -13.29 -3.22
N TYR D 74 -12.71 -12.36 -2.27
CA TYR D 74 -12.92 -10.97 -2.65
C TYR D 74 -12.22 -10.05 -1.66
N CYS D 75 -11.21 -9.32 -2.14
CA CYS D 75 -10.56 -8.26 -1.39
C CYS D 75 -11.28 -6.96 -1.71
N VAL D 76 -12.06 -6.47 -0.75
CA VAL D 76 -12.80 -5.22 -0.91
C VAL D 76 -12.33 -4.25 0.15
N GLY D 77 -12.01 -3.03 -0.27
CA GLY D 77 -11.63 -1.99 0.64
C GLY D 77 -12.11 -0.63 0.21
N ASN D 78 -11.36 0.40 0.60
CA ASN D 78 -11.73 1.77 0.37
C ASN D 78 -10.51 2.55 -0.11
N VAL D 79 -10.64 3.88 -0.09
CA VAL D 79 -9.64 4.74 -0.71
C VAL D 79 -8.36 4.74 0.12
N LEU D 80 -7.24 4.44 -0.55
CA LEU D 80 -5.88 4.47 0.00
C LEU D 80 -5.67 3.56 1.21
N SER D 81 -6.54 2.58 1.42
CA SER D 81 -6.38 1.65 2.53
C SER D 81 -5.38 0.57 2.15
N SER D 82 -4.44 0.31 3.05
CA SER D 82 -3.35 -0.61 2.74
C SER D 82 -3.79 -2.06 2.85
N GLU D 83 -4.35 -2.43 3.99
CA GLU D 83 -4.64 -3.84 4.30
C GLU D 83 -5.93 -4.26 3.61
N LEU D 84 -5.87 -5.35 2.85
CA LEU D 84 -7.05 -5.96 2.26
C LEU D 84 -7.14 -7.41 2.66
N ILE D 85 -8.37 -7.92 2.72
CA ILE D 85 -8.63 -9.31 3.06
C ILE D 85 -9.52 -9.91 1.99
N CYS D 86 -9.01 -10.89 1.25
CA CYS D 86 -9.81 -11.67 0.33
C CYS D 86 -10.55 -12.75 1.11
N LYS D 87 -11.85 -12.86 0.89
CA LYS D 87 -12.70 -13.76 1.68
C LYS D 87 -13.05 -14.97 0.84
N GLY D 88 -12.20 -15.99 0.93
CA GLY D 88 -12.44 -17.23 0.24
C GLY D 88 -11.15 -17.89 -0.19
N GLY D 89 -11.28 -18.80 -1.15
CA GLY D 89 -10.16 -19.61 -1.60
C GLY D 89 -10.61 -21.01 -1.94
N PRO D 90 -10.03 -22.01 -1.26
CA PRO D 90 -10.61 -23.36 -1.31
C PRO D 90 -12.00 -23.37 -0.69
N LEU D 91 -12.99 -23.64 -1.52
CA LEU D 91 -14.38 -23.32 -1.22
C LEU D 91 -14.97 -24.23 -0.16
N ASP D 92 -16.14 -23.82 0.34
CA ASP D 92 -16.98 -24.64 1.19
C ASP D 92 -18.36 -24.86 0.57
N PHE D 93 -18.49 -24.59 -0.73
CA PHE D 93 -19.72 -24.55 -1.53
C PHE D 93 -20.72 -23.51 -1.04
N SER D 94 -20.32 -22.62 -0.14
CA SER D 94 -21.20 -21.57 0.36
C SER D 94 -20.50 -20.24 0.60
N SER D 95 -19.22 -20.11 0.25
CA SER D 95 -18.46 -18.93 0.62
C SER D 95 -18.77 -17.73 -0.26
N ILE D 96 -18.97 -17.94 -1.55
CA ILE D 96 -19.13 -16.82 -2.47
C ILE D 96 -20.60 -16.41 -2.49
N PRO D 97 -20.93 -15.12 -2.75
CA PRO D 97 -22.32 -14.68 -2.63
C PRO D 97 -23.31 -15.30 -3.62
N SER D 98 -23.04 -15.17 -4.91
CA SER D 98 -24.03 -15.52 -5.92
C SER D 98 -23.98 -17.01 -6.23
N ARG D 99 -25.14 -17.64 -6.28
CA ARG D 99 -25.21 -19.00 -6.80
C ARG D 99 -24.96 -19.03 -8.30
N ALA D 100 -25.27 -17.94 -9.00
CA ALA D 100 -24.87 -17.83 -10.41
C ALA D 100 -23.36 -17.83 -10.55
N PHE D 101 -22.66 -17.23 -9.58
CA PHE D 101 -21.21 -17.37 -9.55
C PHE D 101 -20.80 -18.80 -9.21
N LYS D 102 -21.54 -19.47 -8.31
CA LYS D 102 -21.30 -20.88 -8.02
C LYS D 102 -21.54 -21.75 -9.24
N THR D 103 -22.61 -21.48 -9.97
CA THR D 103 -22.95 -22.31 -11.12
C THR D 103 -21.97 -22.09 -12.28
N ALA D 104 -21.58 -20.84 -12.52
CA ALA D 104 -20.58 -20.55 -13.54
C ALA D 104 -19.23 -21.11 -13.16
N MET D 105 -18.92 -21.11 -11.85
CA MET D 105 -17.74 -21.81 -11.35
C MET D 105 -17.80 -23.29 -11.65
N PHE D 106 -18.99 -23.88 -11.56
CA PHE D 106 -19.15 -25.30 -11.87
C PHE D 106 -18.99 -25.55 -13.37
N PHE D 107 -19.48 -24.62 -14.20
CA PHE D 107 -19.26 -24.71 -15.65
C PHE D 107 -17.78 -24.68 -16.00
N VAL D 108 -17.06 -23.68 -15.50
CA VAL D 108 -15.66 -23.54 -15.85
C VAL D 108 -14.81 -24.62 -15.18
N ALA D 109 -15.25 -25.16 -14.04
CA ALA D 109 -14.55 -26.30 -13.44
C ALA D 109 -14.78 -27.57 -14.25
N LEU D 110 -15.96 -27.70 -14.85
CA LEU D 110 -16.19 -28.79 -15.80
C LEU D 110 -15.31 -28.60 -17.03
N ALA D 111 -15.06 -27.34 -17.42
CA ALA D 111 -14.16 -27.09 -18.54
C ALA D 111 -12.72 -27.46 -18.19
N MET D 112 -12.28 -27.14 -16.97
CA MET D 112 -11.00 -27.57 -16.41
C MET D 112 -10.80 -29.08 -16.50
N PHE D 113 -11.72 -29.81 -15.86
CA PHE D 113 -11.65 -31.27 -15.87
C PHE D 113 -11.84 -31.84 -17.26
N LEU D 114 -12.52 -31.11 -18.15
CA LEU D 114 -12.64 -31.53 -19.53
C LEU D 114 -11.29 -31.45 -20.23
N ILE D 115 -10.54 -30.37 -20.02
CA ILE D 115 -9.28 -30.25 -20.75
C ILE D 115 -8.24 -31.19 -20.16
N ILE D 116 -8.37 -31.51 -18.86
CA ILE D 116 -7.59 -32.60 -18.29
C ILE D 116 -7.97 -33.93 -18.95
N GLY D 117 -9.27 -34.14 -19.18
CA GLY D 117 -9.70 -35.30 -19.94
C GLY D 117 -9.27 -35.26 -21.41
N SER D 118 -8.99 -34.07 -21.92
CA SER D 118 -8.47 -33.98 -23.28
C SER D 118 -7.00 -34.35 -23.31
N ILE D 119 -6.27 -34.07 -22.24
CA ILE D 119 -4.94 -34.65 -22.07
C ILE D 119 -5.04 -36.17 -22.00
N ILE D 120 -6.09 -36.67 -21.36
CA ILE D 120 -6.31 -38.12 -21.34
C ILE D 120 -6.70 -38.67 -22.71
N CYS D 121 -7.43 -37.92 -23.53
CA CYS D 121 -7.72 -38.43 -24.88
C CYS D 121 -6.48 -38.34 -25.76
N PHE D 122 -5.55 -37.44 -25.44
CA PHE D 122 -4.22 -37.52 -26.03
C PHE D 122 -3.48 -38.75 -25.53
N SER D 123 -3.70 -39.16 -24.28
CA SER D 123 -3.06 -40.36 -23.75
C SER D 123 -3.62 -41.62 -24.38
N LEU D 124 -4.87 -41.57 -24.84
CA LEU D 124 -5.52 -42.70 -25.51
C LEU D 124 -5.47 -42.57 -27.02
N PHE D 125 -4.38 -42.03 -27.57
CA PHE D 125 -4.23 -41.80 -29.00
C PHE D 125 -3.70 -43.01 -29.73
N PHE D 126 -2.92 -43.86 -29.07
CA PHE D 126 -2.18 -44.92 -29.75
C PHE D 126 -2.92 -46.25 -29.79
N VAL D 127 -4.08 -46.36 -29.15
CA VAL D 127 -4.80 -47.63 -29.11
C VAL D 127 -5.81 -47.70 -30.25
N CYS D 128 -6.72 -46.74 -30.32
CA CYS D 128 -7.82 -46.80 -31.26
C CYS D 128 -7.48 -46.03 -32.54
N ASN D 129 -8.48 -45.86 -33.40
CA ASN D 129 -8.32 -45.17 -34.66
C ASN D 129 -8.13 -43.67 -34.42
N THR D 130 -7.45 -43.03 -35.38
CA THR D 130 -7.33 -41.58 -35.37
C THR D 130 -8.69 -40.92 -35.54
N ALA D 131 -9.50 -41.42 -36.47
CA ALA D 131 -10.83 -40.87 -36.70
C ALA D 131 -11.75 -41.09 -35.52
N THR D 132 -11.47 -42.11 -34.70
CA THR D 132 -12.18 -42.27 -33.44
C THR D 132 -11.80 -41.19 -32.44
N VAL D 133 -10.50 -41.07 -32.17
CA VAL D 133 -10.02 -40.24 -31.07
C VAL D 133 -10.18 -38.75 -31.42
N TYR D 134 -10.15 -38.43 -32.71
CA TYR D 134 -10.36 -37.05 -33.11
C TYR D 134 -11.81 -36.63 -32.89
N LYS D 135 -12.75 -37.55 -33.10
CA LYS D 135 -14.14 -37.24 -32.80
C LYS D 135 -14.39 -37.19 -31.30
N ILE D 136 -13.67 -38.01 -30.52
CA ILE D 136 -13.75 -37.95 -29.06
C ILE D 136 -13.33 -36.58 -28.55
N CYS D 137 -12.12 -36.15 -28.93
CA CYS D 137 -11.62 -34.85 -28.48
C CYS D 137 -12.39 -33.71 -29.15
N ALA D 138 -13.03 -33.95 -30.29
CA ALA D 138 -13.90 -32.95 -30.89
C ALA D 138 -15.14 -32.71 -30.04
N TRP D 139 -15.78 -33.79 -29.57
CA TRP D 139 -16.89 -33.68 -28.64
C TRP D 139 -16.47 -32.96 -27.36
N MET D 140 -15.26 -33.27 -26.89
CA MET D 140 -14.67 -32.58 -25.74
C MET D 140 -14.62 -31.08 -25.96
N GLN D 141 -13.91 -30.63 -27.01
CA GLN D 141 -13.73 -29.19 -27.21
C GLN D 141 -15.04 -28.47 -27.54
N LEU D 142 -16.01 -29.17 -28.15
CA LEU D 142 -17.36 -28.65 -28.27
C LEU D 142 -17.94 -28.30 -26.91
N ALA D 143 -17.91 -29.28 -25.98
CA ALA D 143 -18.49 -29.04 -24.66
C ALA D 143 -17.70 -28.00 -23.87
N ALA D 144 -16.40 -27.92 -24.11
CA ALA D 144 -15.55 -26.92 -23.44
C ALA D 144 -15.95 -25.52 -23.88
N ALA D 145 -16.04 -25.29 -25.20
CA ALA D 145 -16.42 -23.98 -25.71
C ALA D 145 -17.82 -23.60 -25.28
N THR D 146 -18.74 -24.57 -25.24
CA THR D 146 -20.10 -24.30 -24.82
C THR D 146 -20.16 -23.88 -23.35
N GLY D 147 -19.49 -24.63 -22.47
CA GLY D 147 -19.51 -24.31 -21.06
C GLY D 147 -18.83 -23.01 -20.71
N LEU D 148 -17.74 -22.69 -21.41
CA LEU D 148 -17.07 -21.42 -21.18
C LEU D 148 -17.92 -20.25 -21.67
N MET D 149 -18.61 -20.44 -22.81
CA MET D 149 -19.56 -19.45 -23.30
C MET D 149 -20.66 -19.18 -22.27
N ILE D 150 -21.17 -20.25 -21.66
CA ILE D 150 -22.25 -20.10 -20.70
C ILE D 150 -21.77 -19.38 -19.44
N GLY D 151 -20.59 -19.76 -18.92
CA GLY D 151 -20.07 -19.09 -17.73
C GLY D 151 -19.75 -17.62 -17.95
N CYS D 152 -19.21 -17.30 -19.12
CA CYS D 152 -18.94 -15.91 -19.48
C CYS D 152 -20.22 -15.11 -19.64
N LEU D 153 -21.29 -15.75 -20.11
CA LEU D 153 -22.57 -15.06 -20.14
C LEU D 153 -23.17 -14.92 -18.75
N VAL D 154 -22.88 -15.84 -17.84
CA VAL D 154 -23.49 -15.81 -16.51
C VAL D 154 -22.91 -14.71 -15.63
N TYR D 155 -21.58 -14.48 -15.70
CA TYR D 155 -20.92 -13.50 -14.84
C TYR D 155 -21.51 -12.08 -14.82
N PRO D 156 -21.92 -11.44 -15.93
CA PRO D 156 -22.52 -10.10 -15.77
C PRO D 156 -23.91 -10.12 -15.15
N ASP D 157 -24.61 -11.26 -15.20
CA ASP D 157 -25.88 -11.37 -14.48
C ASP D 157 -25.65 -11.41 -12.98
N GLY D 158 -24.54 -12.02 -12.56
CA GLY D 158 -24.14 -11.92 -11.17
C GLY D 158 -23.54 -10.57 -10.81
N TRP D 159 -23.13 -9.80 -11.81
CA TRP D 159 -22.64 -8.41 -11.67
C TRP D 159 -21.43 -8.30 -10.77
N GLY D 178 -22.74 1.60 -9.55
CA GLY D 178 -21.95 0.38 -9.64
C GLY D 178 -20.91 0.42 -10.74
N HIS D 179 -19.83 1.14 -10.51
CA HIS D 179 -18.71 1.23 -11.45
C HIS D 179 -17.94 -0.09 -11.44
N CYS D 180 -17.18 -0.32 -12.50
CA CYS D 180 -16.35 -1.51 -12.64
C CYS D 180 -15.09 -1.16 -13.41
N THR D 181 -14.02 -1.92 -13.16
CA THR D 181 -12.91 -2.03 -14.10
C THR D 181 -12.69 -3.52 -14.30
N ILE D 182 -13.03 -4.02 -15.48
CA ILE D 182 -12.90 -5.44 -15.76
C ILE D 182 -11.44 -5.82 -15.86
N ARG D 183 -11.07 -6.93 -15.22
CA ARG D 183 -9.69 -7.38 -15.24
C ARG D 183 -9.49 -8.37 -16.38
N TRP D 184 -8.27 -8.90 -16.45
CA TRP D 184 -7.82 -9.70 -17.57
C TRP D 184 -8.38 -11.11 -17.58
N ALA D 185 -9.09 -11.52 -16.52
CA ALA D 185 -9.65 -12.86 -16.46
C ALA D 185 -10.71 -13.07 -17.53
N PHE D 186 -11.70 -12.17 -17.58
CA PHE D 186 -12.78 -12.31 -18.53
C PHE D 186 -12.30 -12.13 -19.96
N MET D 187 -11.26 -11.32 -20.19
CA MET D 187 -10.78 -11.16 -21.56
C MET D 187 -9.95 -12.37 -21.99
N LEU D 188 -9.21 -12.97 -21.04
CA LEU D 188 -8.55 -14.24 -21.32
C LEU D 188 -9.58 -15.33 -21.61
N ALA D 189 -10.69 -15.31 -20.88
CA ALA D 189 -11.75 -16.28 -21.10
C ALA D 189 -12.43 -16.07 -22.45
N ILE D 190 -12.66 -14.80 -22.83
CA ILE D 190 -13.37 -14.54 -24.08
C ILE D 190 -12.45 -14.79 -25.27
N LEU D 191 -11.13 -14.76 -25.08
CA LEU D 191 -10.27 -15.24 -26.16
C LEU D 191 -10.22 -16.78 -26.17
N SER D 192 -10.34 -17.39 -24.98
CA SER D 192 -10.40 -18.84 -24.90
C SER D 192 -11.65 -19.41 -25.55
N ILE D 193 -12.72 -18.60 -25.61
CA ILE D 193 -13.95 -18.93 -26.33
C ILE D 193 -13.65 -19.26 -27.79
N GLY D 194 -13.12 -18.26 -28.51
CA GLY D 194 -12.78 -18.47 -29.90
C GLY D 194 -11.67 -19.48 -30.08
N ASP D 195 -10.79 -19.61 -29.08
CA ASP D 195 -9.75 -20.63 -29.12
C ASP D 195 -10.32 -22.04 -29.15
N ALA D 196 -11.13 -22.39 -28.16
CA ALA D 196 -11.74 -23.70 -28.13
C ALA D 196 -12.72 -23.91 -29.28
N LEU D 197 -13.30 -22.82 -29.79
CA LEU D 197 -14.10 -22.90 -31.01
C LEU D 197 -13.28 -23.34 -32.22
N ILE D 198 -12.09 -22.75 -32.40
CA ILE D 198 -11.23 -23.13 -33.53
C ILE D 198 -10.67 -24.53 -33.33
N LEU D 199 -10.34 -24.90 -32.09
CA LEU D 199 -9.88 -26.25 -31.79
C LEU D 199 -10.95 -27.28 -32.10
N SER D 200 -12.20 -26.99 -31.74
CA SER D 200 -13.27 -27.93 -32.04
C SER D 200 -13.59 -27.98 -33.53
N PHE D 201 -13.47 -26.85 -34.23
CA PHE D 201 -13.71 -26.84 -35.67
C PHE D 201 -12.69 -27.69 -36.42
N LEU D 202 -11.41 -27.48 -36.13
CA LEU D 202 -10.39 -28.29 -36.80
C LEU D 202 -10.38 -29.72 -36.26
N ALA D 203 -10.91 -29.96 -35.07
CA ALA D 203 -11.06 -31.33 -34.61
C ALA D 203 -12.16 -32.06 -35.38
N PHE D 204 -13.24 -31.35 -35.71
CA PHE D 204 -14.25 -31.93 -36.60
C PHE D 204 -13.69 -32.10 -38.01
N VAL D 205 -12.77 -31.21 -38.41
CA VAL D 205 -12.06 -31.39 -39.68
C VAL D 205 -11.26 -32.68 -39.68
N LEU D 206 -10.59 -32.97 -38.56
CA LEU D 206 -9.88 -34.23 -38.44
C LEU D 206 -10.70 -35.27 -37.68
#